data_7EWF
#
_entry.id   7EWF
#
_cell.length_a   116.319
_cell.length_b   116.319
_cell.length_c   127.347
_cell.angle_alpha   90.000
_cell.angle_beta   90.000
_cell.angle_gamma   120.000
#
_symmetry.space_group_name_H-M   'P 32 2 1'
#
loop_
_entity.id
_entity.type
_entity.pdbx_description
1 polymer 'Protein THP3'
2 polymer 'Cop9 signalosome complex subunit 12'
3 polymer '26S proteasome complex subunit SEM1'
4 water water
#
loop_
_entity_poly.entity_id
_entity_poly.type
_entity_poly.pdbx_seq_one_letter_code
_entity_poly.pdbx_strand_id
1 'polypeptide(L)'
;GSH(MSE)KIHVVGRCQTLEKSYLRLTSEPNPDLIRPPNILQK(MSE)YCLL(MSE)DKYQSKTATYTYLCDQFKS
(MSE)RQDLRVQ(MSE)IENSFTIKVYQTHARIALENGDLGEFNQCQNRI(MSE)ALFENPTIPKKSYSEFICYSVLYS
(MSE)LTEDYPSISHLKLKLIDDGSSEILEDEHVK(MSE)IFELSD(MSE)KLVGNYHYF(MSE)KNYLKLHKFEKCLIN
SFLNLEKLIFLTIICKSYNQVNLDFVKSEFNFNSIEETTNFLNEQNLTEFILNKQITDSNGKSSNIKILNTKGCRVQLIQ
NY(MSE)KSKKIDIKGQK
;
A
2 'polypeptide(L)'
;(MSE)DVDIGCYFEEKRYDDKLLDFIRYDVKTPKKTKYILQRPTATDEESVRLQRFYQLGVDLKLKYSKRRSLKKQGRIK
NATEELLRLANEQLKLFNRIVERETNWIIYPLWV(MSE)AKQLIRLANESSELNKDSIEECGRTIHRSFTICLNDRNPRL
NENKKIGCY(MSE)FANLEFSIYHRLSNKD(MSE)IKNLVKVLESRVNARDIPPLNKSLA(MSE)EHKSQVVLYNYYLGQ
YYGCLENDHERGFFHLNEALLQCP(MSE)LYVESTGKFVLQGQ(MSE)EKI(MSE)ILLVPLALLTKRLYPHWDHPVIAG
VITRSKRLSQVYPTLVRSVISGNLSLYEATAASHERFFLSQGLHVVITLLREVVFTRLVQRCWQWGNDRKSI(MSE)PLK
ILLATKQHDSSANEDEEEQLDALECRLASAIASGLLRAYLSHSNRCIVFSKKEPFPHSK
;
B
3 'polypeptide(L)'
;(MSE)STDVAAAQAQSKIDLTKKKNEEINKKSLEEDDEFEDFPIDTWANGETIKSNAVTQTNIWEENWDDVEVDDDFTNE
LKAELDRYKRENQ
;
C
#
# COMPACT_ATOMS: atom_id res chain seq x y z
N ILE A 6 0.99 -10.96 -38.59
CA ILE A 6 -0.07 -10.30 -39.33
C ILE A 6 -1.39 -10.36 -38.57
N HIS A 7 -2.09 -9.23 -38.53
CA HIS A 7 -3.32 -9.14 -37.77
C HIS A 7 -4.51 -9.62 -38.60
N VAL A 8 -5.44 -10.29 -37.94
CA VAL A 8 -6.61 -10.86 -38.62
C VAL A 8 -7.52 -9.73 -39.09
N VAL A 9 -7.98 -9.83 -40.34
CA VAL A 9 -8.86 -8.84 -40.95
C VAL A 9 -10.22 -9.47 -41.23
N GLY A 10 -11.28 -8.70 -41.02
CA GLY A 10 -12.64 -9.20 -41.13
C GLY A 10 -13.48 -8.43 -42.14
N ARG A 11 -14.50 -9.10 -42.67
CA ARG A 11 -15.28 -8.59 -43.79
C ARG A 11 -16.77 -8.85 -43.61
N CYS A 12 -17.22 -9.06 -42.37
CA CYS A 12 -18.65 -9.21 -42.14
C CYS A 12 -19.35 -7.87 -42.38
N GLN A 13 -20.43 -7.91 -43.16
CA GLN A 13 -21.15 -6.70 -43.53
C GLN A 13 -22.46 -6.53 -42.77
N THR A 14 -22.81 -7.43 -41.86
CA THR A 14 -24.02 -7.29 -41.07
C THR A 14 -23.70 -6.58 -39.76
N LEU A 15 -24.44 -5.52 -39.46
CA LEU A 15 -24.01 -4.56 -38.44
C LEU A 15 -24.09 -5.16 -37.05
N GLU A 16 -25.12 -5.93 -36.79
CA GLU A 16 -25.34 -6.54 -35.49
C GLU A 16 -24.39 -7.71 -35.28
N LYS A 17 -24.03 -7.95 -34.02
CA LYS A 17 -23.34 -9.19 -33.63
C LYS A 17 -23.44 -9.35 -32.12
N SER A 18 -23.65 -10.58 -31.67
CA SER A 18 -23.79 -10.88 -30.26
C SER A 18 -22.49 -11.42 -29.69
N TYR A 19 -22.30 -11.23 -28.39
CA TYR A 19 -21.05 -11.65 -27.77
C TYR A 19 -21.03 -13.16 -27.54
N LEU A 20 -19.86 -13.74 -27.80
CA LEU A 20 -19.54 -15.10 -27.40
C LEU A 20 -18.05 -15.15 -27.09
N ARG A 21 -17.69 -15.75 -25.95
CA ARG A 21 -16.29 -16.00 -25.65
C ARG A 21 -15.69 -16.84 -26.78
N LEU A 22 -14.64 -16.33 -27.41
CA LEU A 22 -14.13 -16.99 -28.61
C LEU A 22 -13.33 -18.23 -28.24
N THR A 23 -13.86 -19.39 -28.65
CA THR A 23 -13.22 -20.68 -28.47
C THR A 23 -12.45 -21.11 -29.72
N SER A 24 -12.96 -20.76 -30.89
CA SER A 24 -12.33 -21.09 -32.15
C SER A 24 -11.19 -20.14 -32.48
N GLU A 25 -10.37 -20.54 -33.45
CA GLU A 25 -9.55 -19.56 -34.13
C GLU A 25 -10.47 -18.67 -34.94
N PRO A 26 -10.30 -17.35 -34.92
CA PRO A 26 -11.32 -16.45 -35.44
C PRO A 26 -11.72 -16.75 -36.89
N ASN A 27 -13.01 -16.55 -37.18
CA ASN A 27 -13.62 -16.72 -38.49
C ASN A 27 -13.76 -15.36 -39.14
N PRO A 28 -12.94 -15.02 -40.15
CA PRO A 28 -13.02 -13.69 -40.75
C PRO A 28 -14.39 -13.31 -41.31
N ASP A 29 -15.23 -14.29 -41.66
CA ASP A 29 -16.54 -13.98 -42.25
C ASP A 29 -17.51 -13.37 -41.25
N LEU A 30 -17.27 -13.53 -39.96
CA LEU A 30 -18.18 -13.02 -38.94
C LEU A 30 -17.60 -11.86 -38.15
N ILE A 31 -16.34 -11.54 -38.38
CA ILE A 31 -15.70 -10.39 -37.75
C ILE A 31 -15.90 -9.19 -38.65
N ARG A 32 -16.35 -8.08 -38.07
CA ARG A 32 -16.70 -6.89 -38.85
C ARG A 32 -15.50 -5.94 -38.97
N PRO A 33 -15.26 -5.38 -40.14
CA PRO A 33 -14.21 -4.36 -40.28
C PRO A 33 -14.60 -3.08 -39.56
N PRO A 34 -13.64 -2.19 -39.30
CA PRO A 34 -13.97 -0.98 -38.52
C PRO A 34 -15.07 -0.12 -39.12
N ASN A 35 -15.16 0.00 -40.45
CA ASN A 35 -16.19 0.85 -41.04
C ASN A 35 -17.59 0.34 -40.69
N ILE A 36 -17.75 -0.98 -40.60
CA ILE A 36 -19.01 -1.57 -40.19
C ILE A 36 -19.18 -1.49 -38.68
N LEU A 37 -18.09 -1.60 -37.94
CA LEU A 37 -18.16 -1.40 -36.49
C LEU A 37 -18.51 0.04 -36.16
N GLN A 38 -18.14 0.97 -37.06
CA GLN A 38 -18.44 2.39 -36.91
C GLN A 38 -19.89 2.69 -37.27
N LYS A 39 -20.44 2.01 -38.28
CA LYS A 39 -21.84 2.23 -38.62
C LYS A 39 -22.76 1.74 -37.52
N MSE A 40 -22.39 0.69 -36.80
CA MSE A 40 -23.18 0.16 -35.68
C MSE A 40 -22.98 0.98 -34.40
O MSE A 40 -23.85 1.02 -33.55
CB MSE A 40 -22.85 -1.31 -35.42
CG MSE A 40 -23.70 -1.95 -34.33
SE MSE A 40 -25.48 -2.43 -34.94
CE MSE A 40 -26.43 -2.18 -33.26
N TYR A 41 -21.81 1.60 -34.26
CA TYR A 41 -21.62 2.51 -33.14
C TYR A 41 -22.70 3.59 -33.16
N CYS A 42 -22.96 4.15 -34.34
CA CYS A 42 -23.96 5.20 -34.47
C CYS A 42 -25.35 4.69 -34.12
N LEU A 43 -25.69 3.48 -34.57
CA LEU A 43 -27.01 2.94 -34.28
C LEU A 43 -27.17 2.71 -32.79
N LEU A 44 -26.16 2.12 -32.16
CA LEU A 44 -26.16 1.97 -30.72
C LEU A 44 -26.35 3.31 -30.04
N MSE A 45 -25.56 4.30 -30.43
CA MSE A 45 -25.65 5.64 -29.85
C MSE A 45 -27.02 6.29 -30.02
O MSE A 45 -27.52 6.96 -29.12
CB MSE A 45 -24.58 6.55 -30.44
CG MSE A 45 -23.22 6.40 -29.80
SE MSE A 45 -23.18 6.40 -27.85
CE MSE A 45 -23.93 8.17 -27.53
N ASP A 46 -27.61 6.09 -31.20
CA ASP A 46 -29.00 6.48 -31.41
C ASP A 46 -29.89 5.88 -30.33
N LYS A 47 -29.85 4.55 -30.22
CA LYS A 47 -30.69 3.83 -29.28
C LYS A 47 -30.47 4.31 -27.85
N TYR A 48 -29.20 4.45 -27.45
CA TYR A 48 -28.92 4.94 -26.09
C TYR A 48 -29.49 6.33 -25.88
N GLN A 49 -29.30 7.21 -26.85
CA GLN A 49 -29.71 8.61 -26.70
C GLN A 49 -31.22 8.72 -26.62
N SER A 50 -31.93 8.00 -27.48
CA SER A 50 -33.37 7.98 -27.48
C SER A 50 -33.95 7.00 -26.47
N LYS A 51 -33.10 6.28 -25.74
CA LYS A 51 -33.52 5.33 -24.71
C LYS A 51 -34.53 4.31 -25.26
N THR A 52 -34.23 3.78 -26.45
CA THR A 52 -35.09 2.77 -27.05
C THR A 52 -34.48 1.38 -26.99
N ALA A 53 -33.52 1.15 -26.10
CA ALA A 53 -32.88 -0.14 -26.02
C ALA A 53 -32.57 -0.50 -24.57
N THR A 54 -32.49 -1.80 -24.35
CA THR A 54 -32.15 -2.38 -23.05
C THR A 54 -30.65 -2.24 -22.82
N TYR A 55 -30.22 -2.00 -21.57
CA TYR A 55 -28.78 -1.97 -21.36
C TYR A 55 -28.15 -3.32 -21.60
N THR A 56 -28.88 -4.39 -21.34
CA THR A 56 -28.42 -5.72 -21.71
C THR A 56 -28.11 -5.78 -23.20
N TYR A 57 -28.99 -5.18 -24.01
CA TYR A 57 -28.76 -5.24 -25.45
C TYR A 57 -27.57 -4.41 -25.86
N LEU A 58 -27.46 -3.18 -25.34
CA LEU A 58 -26.34 -2.33 -25.70
C LEU A 58 -25.03 -2.96 -25.26
N CYS A 59 -25.01 -3.53 -24.05
CA CYS A 59 -23.80 -4.12 -23.52
C CYS A 59 -23.33 -5.31 -24.35
N ASP A 60 -24.28 -6.13 -24.81
CA ASP A 60 -23.94 -7.24 -25.68
C ASP A 60 -23.32 -6.74 -26.99
N GLN A 61 -23.94 -5.73 -27.58
CA GLN A 61 -23.44 -5.19 -28.84
C GLN A 61 -22.07 -4.53 -28.67
N PHE A 62 -21.82 -3.95 -27.50
CA PHE A 62 -20.54 -3.31 -27.25
C PHE A 62 -19.44 -4.32 -27.00
N LYS A 63 -19.75 -5.43 -26.32
CA LYS A 63 -18.76 -6.47 -26.09
C LYS A 63 -18.37 -7.14 -27.41
N SER A 64 -19.33 -7.32 -28.31
CA SER A 64 -19.00 -7.89 -29.61
C SER A 64 -18.17 -6.92 -30.43
N MSE A 65 -18.49 -5.63 -30.36
CA MSE A 65 -17.69 -4.59 -30.98
C MSE A 65 -16.29 -4.57 -30.39
O MSE A 65 -15.29 -4.44 -31.10
CB MSE A 65 -18.37 -3.22 -30.79
CG MSE A 65 -17.83 -2.11 -31.67
SE MSE A 65 -18.91 -0.51 -31.47
CE MSE A 65 -20.52 -1.16 -32.35
N ARG A 66 -16.21 -4.71 -29.06
CA ARG A 66 -14.92 -4.79 -28.40
C ARG A 66 -14.15 -6.04 -28.82
N GLN A 67 -14.85 -7.18 -28.96
CA GLN A 67 -14.19 -8.42 -29.32
C GLN A 67 -13.65 -8.37 -30.75
N ASP A 68 -14.39 -7.75 -31.66
CA ASP A 68 -13.93 -7.66 -33.04
C ASP A 68 -12.70 -6.78 -33.17
N LEU A 69 -12.54 -5.80 -32.27
CA LEU A 69 -11.35 -4.96 -32.30
C LEU A 69 -10.14 -5.68 -31.73
N ARG A 70 -10.35 -6.54 -30.72
CA ARG A 70 -9.24 -7.23 -30.08
C ARG A 70 -8.63 -8.29 -31.00
N VAL A 71 -9.45 -8.95 -31.83
CA VAL A 71 -8.91 -9.97 -32.72
C VAL A 71 -8.25 -9.33 -33.93
N GLN A 72 -8.72 -8.15 -34.32
CA GLN A 72 -8.19 -7.45 -35.48
C GLN A 72 -7.07 -6.50 -35.11
N MSE A 73 -6.66 -6.47 -33.85
CA MSE A 73 -5.59 -5.59 -33.41
C MSE A 73 -5.77 -4.14 -33.87
O MSE A 73 -4.85 -3.54 -34.42
CB MSE A 73 -4.24 -6.11 -33.93
CG MSE A 73 -3.99 -7.56 -33.58
SE MSE A 73 -3.53 -7.88 -31.72
CE MSE A 73 -1.92 -8.95 -32.02
N ILE A 74 -6.97 -3.58 -33.67
CA ILE A 74 -7.21 -2.17 -33.92
C ILE A 74 -7.10 -1.45 -32.59
N GLU A 75 -6.02 -0.70 -32.40
CA GLU A 75 -5.81 0.13 -31.22
C GLU A 75 -5.61 1.56 -31.71
N ASN A 76 -6.74 2.23 -31.99
CA ASN A 76 -6.70 3.60 -32.50
C ASN A 76 -7.74 4.47 -31.78
N SER A 77 -7.99 5.66 -32.32
CA SER A 77 -8.91 6.57 -31.67
C SER A 77 -10.33 6.03 -31.68
N PHE A 78 -10.68 5.21 -32.67
CA PHE A 78 -12.00 4.61 -32.66
C PHE A 78 -12.12 3.58 -31.55
N THR A 79 -11.04 2.87 -31.27
CA THR A 79 -11.04 1.90 -30.18
C THR A 79 -11.28 2.58 -28.85
N ILE A 80 -10.52 3.65 -28.58
CA ILE A 80 -10.69 4.41 -27.34
C ILE A 80 -12.12 4.89 -27.21
N LYS A 81 -12.72 5.30 -28.34
CA LYS A 81 -14.09 5.82 -28.34
C LYS A 81 -15.08 4.75 -27.90
N VAL A 82 -14.93 3.53 -28.42
CA VAL A 82 -15.83 2.46 -28.05
C VAL A 82 -15.73 2.13 -26.56
N TYR A 83 -14.50 2.02 -26.05
CA TYR A 83 -14.34 1.64 -24.65
C TYR A 83 -14.78 2.76 -23.71
N GLN A 84 -14.45 4.00 -24.05
CA GLN A 84 -14.92 5.13 -23.25
C GLN A 84 -16.44 5.19 -23.24
N THR A 85 -17.07 4.86 -24.37
CA THR A 85 -18.53 4.93 -24.45
C THR A 85 -19.20 3.80 -23.68
N HIS A 86 -18.62 2.60 -23.71
CA HIS A 86 -19.23 1.53 -22.92
C HIS A 86 -18.97 1.72 -21.45
N ALA A 87 -17.77 2.19 -21.10
CA ALA A 87 -17.46 2.51 -19.71
C ALA A 87 -18.48 3.47 -19.15
N ARG A 88 -18.73 4.54 -19.88
CA ARG A 88 -19.68 5.55 -19.42
C ARG A 88 -21.08 4.96 -19.28
N ILE A 89 -21.55 4.27 -20.32
CA ILE A 89 -22.88 3.69 -20.26
C ILE A 89 -22.97 2.63 -19.17
N ALA A 90 -21.88 1.89 -18.95
CA ALA A 90 -21.89 0.86 -17.92
C ALA A 90 -22.07 1.48 -16.55
N LEU A 91 -21.37 2.59 -16.29
CA LEU A 91 -21.55 3.28 -15.01
C LEU A 91 -22.97 3.79 -14.86
N GLU A 92 -23.61 4.20 -15.97
CA GLU A 92 -24.95 4.74 -15.89
C GLU A 92 -25.97 3.67 -15.50
N ASN A 93 -25.66 2.40 -15.73
CA ASN A 93 -26.59 1.32 -15.44
C ASN A 93 -26.13 0.40 -14.31
N GLY A 94 -25.09 0.81 -13.58
CA GLY A 94 -24.62 0.03 -12.45
C GLY A 94 -23.75 -1.16 -12.78
N ASP A 95 -23.34 -1.31 -14.04
CA ASP A 95 -22.52 -2.44 -14.47
C ASP A 95 -21.06 -2.09 -14.18
N LEU A 96 -20.69 -2.22 -12.90
CA LEU A 96 -19.32 -1.94 -12.49
C LEU A 96 -18.34 -2.95 -13.06
N GLY A 97 -18.78 -4.18 -13.36
CA GLY A 97 -17.86 -5.17 -13.89
C GLY A 97 -17.41 -4.83 -15.29
N GLU A 98 -18.34 -4.43 -16.15
CA GLU A 98 -17.92 -4.06 -17.50
C GLU A 98 -17.26 -2.68 -17.52
N PHE A 99 -17.66 -1.79 -16.61
CA PHE A 99 -16.89 -0.55 -16.46
C PHE A 99 -15.42 -0.85 -16.25
N ASN A 100 -15.14 -1.75 -15.31
CA ASN A 100 -13.76 -1.99 -14.90
C ASN A 100 -12.97 -2.69 -15.99
N GLN A 101 -13.60 -3.63 -16.70
CA GLN A 101 -12.98 -4.19 -17.90
C GLN A 101 -12.58 -3.08 -18.87
N CYS A 102 -13.50 -2.13 -19.08
CA CYS A 102 -13.22 -1.04 -20.01
C CYS A 102 -12.16 -0.10 -19.46
N GLN A 103 -12.26 0.24 -18.17
CA GLN A 103 -11.35 1.21 -17.58
C GLN A 103 -9.91 0.72 -17.66
N ASN A 104 -9.69 -0.55 -17.36
CA ASN A 104 -8.35 -1.12 -17.45
C ASN A 104 -7.83 -1.02 -18.88
N ARG A 105 -8.66 -1.38 -19.85
CA ARG A 105 -8.22 -1.35 -21.24
C ARG A 105 -7.94 0.07 -21.70
N ILE A 106 -8.75 1.03 -21.24
CA ILE A 106 -8.53 2.42 -21.64
C ILE A 106 -7.17 2.90 -21.18
N MSE A 107 -6.84 2.66 -19.91
CA MSE A 107 -5.56 3.10 -19.36
C MSE A 107 -4.39 2.45 -20.10
O MSE A 107 -3.38 3.09 -20.35
CB MSE A 107 -5.49 2.80 -17.86
CG MSE A 107 -6.54 3.51 -17.01
SE MSE A 107 -6.59 5.46 -17.24
CE MSE A 107 -4.86 5.89 -16.47
N ALA A 108 -4.56 1.17 -20.46
CA ALA A 108 -3.52 0.48 -21.22
C ALA A 108 -3.39 1.05 -22.62
N LEU A 109 -4.51 1.48 -23.22
CA LEU A 109 -4.44 2.11 -24.53
C LEU A 109 -3.86 3.52 -24.47
N PHE A 110 -3.91 4.17 -23.31
CA PHE A 110 -3.29 5.47 -23.14
C PHE A 110 -1.77 5.37 -23.03
N GLU A 111 -1.25 4.17 -22.75
CA GLU A 111 0.20 3.99 -22.79
C GLU A 111 0.74 4.07 -24.21
N ASN A 112 -0.13 3.96 -25.21
CA ASN A 112 0.31 4.03 -26.60
C ASN A 112 0.46 5.48 -27.01
N PRO A 113 1.64 5.91 -27.45
CA PRO A 113 1.81 7.33 -27.80
C PRO A 113 1.11 7.71 -29.10
N THR A 114 0.80 6.75 -29.97
CA THR A 114 0.10 7.05 -31.21
C THR A 114 -1.37 7.36 -31.00
N ILE A 115 -1.93 7.00 -29.85
CA ILE A 115 -3.34 7.19 -29.56
C ILE A 115 -3.50 8.47 -28.77
N PRO A 116 -4.23 9.47 -29.27
CA PRO A 116 -4.36 10.73 -28.54
C PRO A 116 -5.18 10.56 -27.27
N LYS A 117 -4.79 11.29 -26.23
CA LYS A 117 -5.36 11.11 -24.89
C LYS A 117 -6.62 11.95 -24.73
N LYS A 118 -7.66 11.54 -25.44
CA LYS A 118 -8.95 12.22 -25.32
C LYS A 118 -9.63 11.82 -24.02
N SER A 119 -10.03 12.83 -23.22
CA SER A 119 -10.69 12.62 -21.94
C SER A 119 -9.82 11.82 -20.97
N TYR A 120 -8.51 12.07 -21.01
CA TYR A 120 -7.61 11.41 -20.08
C TYR A 120 -7.98 11.75 -18.65
N SER A 121 -8.31 13.02 -18.39
CA SER A 121 -8.55 13.44 -17.02
C SER A 121 -9.88 12.88 -16.49
N GLU A 122 -10.86 12.74 -17.37
CA GLU A 122 -12.13 12.14 -16.95
C GLU A 122 -11.92 10.73 -16.46
N PHE A 123 -11.12 9.96 -17.18
CA PHE A 123 -10.95 8.57 -16.81
C PHE A 123 -9.89 8.39 -15.74
N ILE A 124 -9.00 9.36 -15.59
CA ILE A 124 -8.16 9.40 -14.40
C ILE A 124 -9.04 9.53 -13.15
N CYS A 125 -10.11 10.32 -13.26
CA CYS A 125 -11.01 10.50 -12.14
C CYS A 125 -11.75 9.21 -11.82
N TYR A 126 -12.26 8.53 -12.84
CA TYR A 126 -12.93 7.25 -12.60
C TYR A 126 -12.01 6.24 -11.92
N SER A 127 -10.71 6.36 -12.19
CA SER A 127 -9.77 5.41 -11.62
C SER A 127 -9.59 5.66 -10.12
N VAL A 128 -9.56 6.92 -9.75
CA VAL A 128 -9.50 7.27 -8.33
C VAL A 128 -10.78 6.85 -7.62
N LEU A 129 -11.93 7.09 -8.26
CA LEU A 129 -13.20 6.84 -7.60
C LEU A 129 -13.44 5.35 -7.43
N TYR A 130 -12.99 4.54 -8.39
CA TYR A 130 -13.14 3.10 -8.28
C TYR A 130 -12.19 2.52 -7.24
N SER A 131 -10.99 3.11 -7.13
CA SER A 131 -10.06 2.66 -6.10
C SER A 131 -10.52 3.06 -4.71
N MSE A 132 -11.32 4.11 -4.60
CA MSE A 132 -11.96 4.47 -3.35
C MSE A 132 -13.00 3.42 -2.95
O MSE A 132 -13.18 3.12 -1.77
CB MSE A 132 -12.62 5.84 -3.45
CG MSE A 132 -11.70 7.04 -3.29
SE MSE A 132 -12.65 8.69 -3.68
CE MSE A 132 -13.90 8.65 -2.20
N LEU A 133 -13.68 2.88 -3.96
CA LEU A 133 -14.72 1.89 -3.75
C LEU A 133 -14.13 0.52 -3.39
N THR A 134 -13.02 0.19 -4.00
CA THR A 134 -12.32 -1.06 -3.75
C THR A 134 -11.40 -0.99 -2.52
N GLU A 135 -11.33 0.18 -1.85
CA GLU A 135 -10.41 0.39 -0.74
C GLU A 135 -8.99 0.02 -1.15
N ASP A 136 -8.54 0.63 -2.26
CA ASP A 136 -7.26 0.33 -2.90
C ASP A 136 -6.45 1.62 -2.96
N TYR A 137 -5.95 2.04 -1.82
CA TYR A 137 -5.21 3.30 -1.73
C TYR A 137 -3.85 3.26 -2.42
N PRO A 138 -3.13 2.13 -2.44
CA PRO A 138 -1.89 2.10 -3.24
C PRO A 138 -2.09 2.50 -4.69
N SER A 139 -3.15 1.97 -5.33
CA SER A 139 -3.45 2.32 -6.72
C SER A 139 -3.61 3.82 -6.91
N ILE A 140 -4.35 4.48 -6.02
CA ILE A 140 -4.50 5.93 -6.11
C ILE A 140 -3.14 6.61 -6.03
N SER A 141 -2.30 6.16 -5.09
CA SER A 141 -0.98 6.76 -4.92
C SER A 141 -0.05 6.40 -6.05
N HIS A 142 -0.18 5.19 -6.61
CA HIS A 142 0.69 4.83 -7.72
C HIS A 142 0.29 5.59 -8.98
N LEU A 143 -0.95 6.04 -9.05
CA LEU A 143 -1.42 6.80 -10.20
C LEU A 143 -1.08 8.27 -10.08
N LYS A 144 -1.14 8.82 -8.86
CA LYS A 144 -0.66 10.18 -8.64
C LYS A 144 0.82 10.28 -8.95
N LEU A 145 1.56 9.27 -8.51
CA LEU A 145 3.00 9.23 -8.77
C LEU A 145 3.28 9.10 -10.26
N LYS A 146 2.44 8.35 -10.98
CA LYS A 146 2.62 8.21 -12.42
C LYS A 146 2.44 9.56 -13.12
N LEU A 147 1.39 10.29 -12.76
CA LEU A 147 1.14 11.59 -13.38
C LEU A 147 2.29 12.56 -13.11
N ILE A 148 2.84 12.53 -11.91
CA ILE A 148 3.96 13.41 -11.57
C ILE A 148 5.18 13.06 -12.42
N ASP A 149 5.54 11.77 -12.45
CA ASP A 149 6.68 11.30 -13.22
C ASP A 149 6.45 11.33 -14.72
N ASP A 150 5.19 11.39 -15.16
CA ASP A 150 4.88 11.61 -16.57
C ASP A 150 4.97 13.07 -16.98
N GLY A 151 5.15 13.99 -16.02
CA GLY A 151 5.11 15.40 -16.34
C GLY A 151 3.73 15.97 -16.51
N SER A 152 2.69 15.28 -16.04
CA SER A 152 1.30 15.66 -16.29
C SER A 152 0.83 16.65 -15.22
N SER A 153 1.46 17.83 -15.24
CA SER A 153 1.08 18.87 -14.29
C SER A 153 -0.18 19.62 -14.71
N GLU A 154 -0.44 19.71 -16.02
CA GLU A 154 -1.67 20.31 -16.49
C GLU A 154 -2.88 19.53 -15.99
N ILE A 155 -2.75 18.20 -15.93
CA ILE A 155 -3.84 17.38 -15.39
C ILE A 155 -3.90 17.51 -13.89
N LEU A 156 -2.73 17.52 -13.24
CA LEU A 156 -2.68 17.51 -11.79
C LEU A 156 -3.16 18.82 -11.17
N GLU A 157 -3.07 19.93 -11.89
CA GLU A 157 -3.53 21.21 -11.35
C GLU A 157 -4.90 21.62 -11.86
N ASP A 158 -5.51 20.82 -12.72
CA ASP A 158 -6.93 20.91 -13.01
C ASP A 158 -7.72 20.83 -11.70
N GLU A 159 -8.54 21.86 -11.44
CA GLU A 159 -9.24 21.94 -10.15
C GLU A 159 -10.10 20.69 -9.91
N HIS A 160 -10.69 20.14 -10.97
CA HIS A 160 -11.55 18.98 -10.77
C HIS A 160 -10.74 17.75 -10.41
N VAL A 161 -9.59 17.57 -11.05
CA VAL A 161 -8.73 16.42 -10.72
C VAL A 161 -8.24 16.53 -9.28
N LYS A 162 -7.81 17.72 -8.89
CA LYS A 162 -7.37 17.93 -7.51
C LYS A 162 -8.44 17.55 -6.51
N MSE A 163 -9.68 17.93 -6.77
CA MSE A 163 -10.79 17.64 -5.88
C MSE A 163 -11.02 16.13 -5.75
O MSE A 163 -11.34 15.62 -4.67
CB MSE A 163 -12.05 18.34 -6.38
CG MSE A 163 -13.27 18.17 -5.51
SE MSE A 163 -14.31 16.56 -5.85
CE MSE A 163 -15.49 17.23 -7.24
N ILE A 164 -10.84 15.41 -6.86
CA ILE A 164 -11.09 13.97 -6.85
C ILE A 164 -10.03 13.26 -6.03
N PHE A 165 -8.76 13.63 -6.21
CA PHE A 165 -7.73 13.11 -5.33
C PHE A 165 -7.96 13.54 -3.89
N GLU A 166 -8.38 14.80 -3.68
CA GLU A 166 -8.66 15.26 -2.33
C GLU A 166 -9.81 14.48 -1.72
N LEU A 167 -10.76 14.03 -2.54
CA LEU A 167 -11.90 13.28 -2.02
C LEU A 167 -11.46 11.92 -1.48
N SER A 168 -10.49 11.29 -2.14
CA SER A 168 -9.99 10.01 -1.65
C SER A 168 -9.36 10.16 -0.28
N ASP A 169 -8.68 11.28 -0.05
CA ASP A 169 -8.11 11.56 1.26
C ASP A 169 -9.18 11.86 2.30
N MSE A 170 -10.25 12.55 1.89
CA MSE A 170 -11.33 12.92 2.80
C MSE A 170 -12.08 11.70 3.31
O MSE A 170 -12.48 11.65 4.47
CB MSE A 170 -12.28 13.89 2.10
CG MSE A 170 -11.95 15.36 2.35
SE MSE A 170 -12.54 16.57 0.95
CE MSE A 170 -13.91 15.43 0.24
N LYS A 171 -12.27 10.71 2.43
CA LYS A 171 -12.84 9.44 2.88
C LYS A 171 -11.89 8.73 3.84
N LEU A 172 -10.58 8.85 3.61
CA LEU A 172 -9.61 8.14 4.42
C LEU A 172 -9.63 8.58 5.87
N VAL A 173 -9.91 9.85 6.13
CA VAL A 173 -9.91 10.38 7.48
C VAL A 173 -11.32 10.81 7.92
N GLY A 174 -12.34 10.23 7.29
CA GLY A 174 -13.71 10.39 7.75
C GLY A 174 -14.26 11.80 7.77
N ASN A 175 -13.88 12.62 6.80
CA ASN A 175 -14.42 13.98 6.72
C ASN A 175 -15.73 13.91 5.97
N TYR A 176 -16.81 13.65 6.70
CA TYR A 176 -18.12 13.62 6.06
C TYR A 176 -18.53 15.00 5.56
N HIS A 177 -18.05 16.06 6.22
CA HIS A 177 -18.60 17.38 5.96
C HIS A 177 -18.24 17.88 4.57
N TYR A 178 -17.00 17.66 4.14
CA TYR A 178 -16.65 18.14 2.81
C TYR A 178 -16.85 17.08 1.74
N PHE A 179 -16.83 15.79 2.12
CA PHE A 179 -17.10 14.71 1.17
C PHE A 179 -18.52 14.81 0.62
N MSE A 180 -19.48 15.11 1.47
CA MSE A 180 -20.85 15.27 1.03
C MSE A 180 -21.01 16.61 0.34
O MSE A 180 -21.84 16.77 -0.57
CB MSE A 180 -21.82 15.14 2.19
CG MSE A 180 -21.76 13.80 2.91
SE MSE A 180 -22.09 12.25 1.76
CE MSE A 180 -23.54 12.99 0.70
N LYS A 181 -20.19 17.57 0.75
CA LYS A 181 -20.20 18.89 0.13
C LYS A 181 -19.53 18.87 -1.23
N ASN A 182 -18.60 17.94 -1.45
CA ASN A 182 -17.97 17.73 -2.75
C ASN A 182 -18.69 16.70 -3.61
N TYR A 183 -19.75 16.07 -3.10
CA TYR A 183 -20.56 15.19 -3.93
C TYR A 183 -21.36 15.97 -4.97
N LEU A 184 -21.70 17.21 -4.66
CA LEU A 184 -22.44 18.07 -5.59
C LEU A 184 -21.58 18.60 -6.71
N LYS A 185 -20.25 18.49 -6.62
CA LYS A 185 -19.34 18.97 -7.64
C LYS A 185 -19.00 17.90 -8.68
N LEU A 186 -19.61 16.72 -8.59
CA LEU A 186 -19.22 15.58 -9.42
C LEU A 186 -20.00 15.55 -10.73
N HIS A 187 -19.35 15.07 -11.78
CA HIS A 187 -19.95 14.96 -13.10
C HIS A 187 -20.91 13.77 -13.15
N LYS A 188 -21.64 13.65 -14.26
CA LYS A 188 -22.81 12.78 -14.34
C LYS A 188 -22.47 11.33 -14.00
N PHE A 189 -21.45 10.80 -14.64
CA PHE A 189 -21.11 9.40 -14.42
C PHE A 189 -20.28 9.19 -13.17
N GLU A 190 -19.60 10.24 -12.71
CA GLU A 190 -18.96 10.20 -11.40
C GLU A 190 -19.99 9.96 -10.29
N LYS A 191 -21.13 10.65 -10.36
CA LYS A 191 -22.20 10.39 -9.41
C LYS A 191 -22.65 8.95 -9.48
N CYS A 192 -22.80 8.41 -10.69
CA CYS A 192 -23.21 7.01 -10.85
C CYS A 192 -22.21 6.05 -10.19
N LEU A 193 -20.92 6.39 -10.23
CA LEU A 193 -19.89 5.53 -9.65
C LEU A 193 -19.89 5.60 -8.13
N ILE A 194 -19.99 6.82 -7.57
CA ILE A 194 -20.10 6.99 -6.12
C ILE A 194 -21.31 6.28 -5.55
N ASN A 195 -22.41 6.23 -6.30
CA ASN A 195 -23.64 5.61 -5.80
C ASN A 195 -23.49 4.12 -5.54
N SER A 196 -22.46 3.49 -6.10
CA SER A 196 -22.27 2.07 -5.84
C SER A 196 -21.89 1.83 -4.38
N PHE A 197 -21.21 2.78 -3.73
CA PHE A 197 -20.84 2.59 -2.33
C PHE A 197 -21.24 3.76 -1.44
N LEU A 198 -22.22 4.58 -1.87
CA LEU A 198 -22.56 5.75 -1.08
C LEU A 198 -23.39 5.40 0.16
N ASN A 199 -24.18 4.33 0.09
CA ASN A 199 -24.97 3.93 1.26
C ASN A 199 -24.06 3.51 2.41
N LEU A 200 -23.08 2.65 2.12
CA LEU A 200 -22.12 2.25 3.16
C LEU A 200 -21.34 3.44 3.67
N GLU A 201 -20.92 4.34 2.77
CA GLU A 201 -20.20 5.54 3.19
C GLU A 201 -21.07 6.42 4.10
N LYS A 202 -22.36 6.55 3.75
CA LYS A 202 -23.28 7.26 4.63
C LYS A 202 -23.37 6.59 5.99
N LEU A 203 -23.39 5.25 6.01
CA LEU A 203 -23.43 4.52 7.27
C LEU A 203 -22.14 4.72 8.06
N ILE A 204 -21.00 4.76 7.36
CA ILE A 204 -19.73 5.01 8.02
C ILE A 204 -19.70 6.41 8.61
N PHE A 205 -20.21 7.39 7.85
CA PHE A 205 -20.30 8.76 8.38
C PHE A 205 -21.27 8.82 9.56
N LEU A 206 -22.39 8.10 9.47
CA LEU A 206 -23.40 8.15 10.53
C LEU A 206 -22.85 7.58 11.84
N THR A 207 -22.02 6.54 11.76
CA THR A 207 -21.42 5.99 12.97
C THR A 207 -20.50 7.02 13.62
N ILE A 208 -19.74 7.75 12.81
CA ILE A 208 -18.82 8.76 13.34
C ILE A 208 -19.59 9.85 14.08
N ILE A 209 -20.66 10.35 13.47
CA ILE A 209 -21.50 11.34 14.16
C ILE A 209 -22.03 10.77 15.47
N CYS A 210 -22.54 9.54 15.43
CA CYS A 210 -23.19 8.94 16.58
C CYS A 210 -22.22 8.55 17.68
N LYS A 211 -20.94 8.34 17.37
CA LYS A 211 -19.93 8.13 18.40
C LYS A 211 -19.46 9.42 19.05
N SER A 212 -19.76 10.57 18.46
CA SER A 212 -19.12 11.83 18.82
C SER A 212 -20.06 12.82 19.47
N TYR A 213 -21.34 12.75 19.17
CA TYR A 213 -22.34 13.57 19.83
C TYR A 213 -23.17 12.68 20.75
N ASN A 214 -23.93 13.33 21.63
CA ASN A 214 -24.95 12.62 22.39
C ASN A 214 -26.34 12.84 21.82
N GLN A 215 -26.54 13.94 21.11
CA GLN A 215 -27.77 14.18 20.35
C GLN A 215 -27.52 15.33 19.39
N VAL A 216 -28.23 15.30 18.26
CA VAL A 216 -28.18 16.35 17.25
C VAL A 216 -29.57 16.59 16.71
N ASN A 217 -29.79 17.79 16.16
CA ASN A 217 -31.01 18.06 15.43
C ASN A 217 -31.15 17.08 14.28
N LEU A 218 -32.40 16.76 13.91
CA LEU A 218 -32.61 15.99 12.71
C LEU A 218 -32.26 16.80 11.47
N ASP A 219 -32.47 18.11 11.51
CA ASP A 219 -32.12 18.98 10.40
C ASP A 219 -30.61 19.01 10.17
N PHE A 220 -29.83 19.03 11.26
CA PHE A 220 -28.37 19.04 11.11
C PHE A 220 -27.88 17.78 10.43
N VAL A 221 -28.39 16.61 10.84
CA VAL A 221 -28.09 15.38 10.11
C VAL A 221 -28.52 15.50 8.66
N LYS A 222 -29.73 16.01 8.42
CA LYS A 222 -30.25 16.13 7.06
C LYS A 222 -29.36 17.00 6.18
N SER A 223 -28.91 18.13 6.72
CA SER A 223 -28.08 19.05 5.93
C SER A 223 -26.76 18.41 5.56
N GLU A 224 -26.10 17.75 6.51
CA GLU A 224 -24.74 17.27 6.29
C GLU A 224 -24.70 16.10 5.31
N PHE A 225 -25.81 15.35 5.18
CA PHE A 225 -25.85 14.19 4.30
C PHE A 225 -26.55 14.46 2.97
N ASN A 226 -26.80 15.73 2.64
CA ASN A 226 -27.40 16.10 1.35
C ASN A 226 -28.73 15.39 1.10
N PHE A 227 -29.56 15.26 2.12
CA PHE A 227 -30.89 14.73 1.86
C PHE A 227 -31.77 15.86 1.35
N ASN A 228 -32.46 15.62 0.23
CA ASN A 228 -33.25 16.66 -0.40
C ASN A 228 -34.41 17.08 0.47
N SER A 229 -34.84 16.22 1.39
CA SER A 229 -35.98 16.47 2.25
C SER A 229 -35.78 15.66 3.53
N ILE A 230 -36.55 16.02 4.56
CA ILE A 230 -36.41 15.34 5.86
C ILE A 230 -37.10 13.99 5.88
N GLU A 231 -37.88 13.65 4.85
CA GLU A 231 -38.52 12.33 4.83
C GLU A 231 -37.52 11.26 4.40
N GLU A 232 -36.70 11.55 3.40
CA GLU A 232 -35.62 10.65 3.03
C GLU A 232 -34.51 10.64 4.07
N THR A 233 -34.49 11.63 4.96
CA THR A 233 -33.60 11.58 6.10
C THR A 233 -34.03 10.49 7.08
N THR A 234 -35.32 10.44 7.40
CA THR A 234 -35.80 9.45 8.36
C THR A 234 -35.91 8.06 7.76
N ASN A 235 -36.16 7.96 6.46
CA ASN A 235 -36.08 6.66 5.80
C ASN A 235 -34.70 6.06 5.91
N PHE A 236 -33.67 6.92 5.88
CA PHE A 236 -32.29 6.46 5.99
C PHE A 236 -31.98 5.97 7.38
N LEU A 237 -32.55 6.62 8.40
CA LEU A 237 -32.40 6.13 9.76
C LEU A 237 -33.23 4.87 9.98
N ASN A 238 -34.42 4.79 9.38
CA ASN A 238 -35.22 3.59 9.49
C ASN A 238 -34.55 2.40 8.81
N GLU A 239 -33.72 2.65 7.81
CA GLU A 239 -32.93 1.61 7.19
C GLU A 239 -31.83 1.07 8.09
N GLN A 240 -31.55 1.75 9.20
CA GLN A 240 -30.54 1.35 10.15
C GLN A 240 -31.13 0.91 11.49
N ASN A 241 -32.45 0.74 11.57
CA ASN A 241 -33.15 0.43 12.82
C ASN A 241 -32.84 1.49 13.88
N LEU A 242 -33.09 2.76 13.51
CA LEU A 242 -32.86 3.86 14.44
C LEU A 242 -34.06 4.79 14.55
N THR A 243 -35.22 4.38 14.02
CA THR A 243 -36.38 5.27 13.99
C THR A 243 -36.86 5.65 15.38
N GLU A 244 -36.69 4.75 16.35
CA GLU A 244 -37.18 5.01 17.70
C GLU A 244 -36.30 5.99 18.47
N PHE A 245 -35.11 6.30 17.97
CA PHE A 245 -34.23 7.28 18.61
C PHE A 245 -34.46 8.70 18.09
N ILE A 246 -35.40 8.87 17.15
CA ILE A 246 -35.85 10.19 16.72
C ILE A 246 -36.89 10.65 17.75
N LEU A 247 -36.48 11.47 18.70
CA LEU A 247 -37.37 11.97 19.74
C LEU A 247 -37.81 13.40 19.42
N ASN A 248 -38.74 13.91 20.21
CA ASN A 248 -39.23 15.27 20.05
C ASN A 248 -39.06 16.02 21.37
N LYS A 249 -38.35 17.14 21.31
CA LYS A 249 -38.15 18.00 22.49
C LYS A 249 -38.54 19.43 22.14
N GLN A 250 -39.40 20.02 22.97
CA GLN A 250 -39.86 21.39 22.82
C GLN A 250 -38.79 22.36 23.32
N ILE A 251 -38.80 23.59 22.76
CA ILE A 251 -37.72 24.54 23.05
C ILE A 251 -38.26 25.94 23.30
N THR A 252 -37.70 26.62 24.32
CA THR A 252 -38.01 28.00 24.73
C THR A 252 -36.67 28.67 25.08
N ASP A 253 -35.95 29.23 24.10
CA ASP A 253 -34.59 29.64 24.40
C ASP A 253 -34.55 30.81 25.38
N SER A 254 -35.36 31.85 25.13
CA SER A 254 -35.27 33.07 25.93
C SER A 254 -36.53 33.34 26.74
N ASN A 255 -37.41 32.35 26.87
CA ASN A 255 -38.68 32.50 27.60
C ASN A 255 -39.58 33.57 26.98
N GLY A 256 -39.54 33.72 25.65
CA GLY A 256 -40.35 34.71 24.97
C GLY A 256 -41.13 34.20 23.78
N LYS A 257 -40.84 32.96 23.37
CA LYS A 257 -41.41 32.27 22.21
C LYS A 257 -40.96 30.81 22.26
N SER A 258 -41.72 29.92 21.61
CA SER A 258 -41.41 28.49 21.66
C SER A 258 -41.82 27.75 20.39
N SER A 259 -41.24 26.56 20.25
CA SER A 259 -41.47 25.65 19.15
C SER A 259 -40.88 24.30 19.53
N ASN A 260 -41.17 23.29 18.70
CA ASN A 260 -40.72 21.92 18.94
C ASN A 260 -39.87 21.43 17.77
N ILE A 261 -38.72 20.84 18.10
CA ILE A 261 -37.77 20.33 17.10
C ILE A 261 -37.59 18.84 17.26
N LYS A 262 -37.20 18.19 16.17
CA LYS A 262 -36.92 16.76 16.17
C LYS A 262 -35.45 16.53 16.49
N ILE A 263 -35.20 15.68 17.46
CA ILE A 263 -33.86 15.34 17.93
C ILE A 263 -33.56 13.89 17.57
N LEU A 264 -32.28 13.57 17.40
CA LEU A 264 -31.82 12.19 17.27
C LEU A 264 -30.92 11.86 18.44
N ASN A 265 -31.32 10.90 19.28
CA ASN A 265 -30.47 10.47 20.38
C ASN A 265 -29.35 9.62 19.82
N THR A 266 -28.23 10.26 19.49
CA THR A 266 -27.12 9.51 18.91
C THR A 266 -26.42 8.65 19.96
N LYS A 267 -26.55 8.98 21.24
CA LYS A 267 -26.02 8.09 22.27
C LYS A 267 -26.78 6.76 22.29
N GLY A 268 -28.08 6.79 22.05
CA GLY A 268 -28.82 5.55 21.97
C GLY A 268 -28.48 4.76 20.72
N CYS A 269 -28.16 5.47 19.63
CA CYS A 269 -27.80 4.79 18.40
C CYS A 269 -26.48 4.05 18.52
N ARG A 270 -25.62 4.48 19.44
CA ARG A 270 -24.31 3.86 19.60
C ARG A 270 -24.42 2.37 19.86
N VAL A 271 -25.35 1.96 20.73
CA VAL A 271 -25.46 0.55 21.06
C VAL A 271 -25.89 -0.26 19.85
N GLN A 272 -26.69 0.33 18.96
CA GLN A 272 -27.23 -0.41 17.83
C GLN A 272 -26.20 -0.53 16.72
N LEU A 273 -25.49 0.55 16.43
CA LEU A 273 -24.63 0.62 15.26
C LEU A 273 -23.29 -0.10 15.43
N ILE A 274 -22.87 -0.36 16.68
CA ILE A 274 -21.64 -1.11 16.92
C ILE A 274 -21.89 -2.61 16.80
N GLN A 275 -23.15 -3.05 16.78
CA GLN A 275 -23.43 -4.46 16.56
C GLN A 275 -23.13 -4.87 15.12
N ASN A 276 -23.29 -3.95 14.17
CA ASN A 276 -23.20 -4.37 12.77
C ASN A 276 -21.77 -4.37 12.24
N TYR A 277 -20.90 -3.55 12.80
CA TYR A 277 -19.49 -3.55 12.40
C TYR A 277 -18.61 -4.07 13.52
N GLY B 6 32.82 -34.56 -3.72
CA GLY B 6 31.45 -35.02 -3.69
C GLY B 6 31.11 -35.70 -2.39
N CYS B 7 31.96 -35.49 -1.40
CA CYS B 7 31.70 -35.94 -0.04
C CYS B 7 30.70 -35.06 0.69
N TYR B 8 30.50 -33.83 0.20
CA TYR B 8 29.42 -33.01 0.73
C TYR B 8 28.07 -33.68 0.55
N PHE B 9 27.85 -34.30 -0.61
CA PHE B 9 26.59 -34.96 -0.89
C PHE B 9 26.53 -36.36 -0.31
N GLU B 10 27.68 -37.01 -0.16
CA GLU B 10 27.72 -38.31 0.48
C GLU B 10 27.55 -38.18 1.99
N GLU B 11 28.34 -37.30 2.61
CA GLU B 11 28.32 -37.13 4.06
C GLU B 11 27.72 -35.78 4.47
N LYS B 12 26.74 -35.31 3.70
CA LYS B 12 25.73 -34.33 4.12
C LYS B 12 26.30 -33.18 4.95
N ARG B 13 27.33 -32.53 4.40
CA ARG B 13 27.85 -31.30 4.96
C ARG B 13 28.18 -30.34 3.83
N TYR B 14 28.35 -29.06 4.15
CA TYR B 14 28.74 -28.07 3.15
C TYR B 14 29.83 -27.15 3.68
N ASP B 15 30.78 -26.81 2.83
CA ASP B 15 31.89 -25.91 3.15
C ASP B 15 31.87 -24.70 2.24
N ASP B 16 32.84 -23.80 2.45
CA ASP B 16 32.91 -22.61 1.61
C ASP B 16 33.29 -22.97 0.18
N LYS B 17 34.16 -23.98 0.01
CA LYS B 17 34.50 -24.47 -1.33
C LYS B 17 33.27 -24.87 -2.12
N LEU B 18 32.32 -25.57 -1.48
CA LEU B 18 31.05 -25.86 -2.12
C LEU B 18 30.29 -24.59 -2.45
N LEU B 19 30.15 -23.70 -1.47
CA LEU B 19 29.54 -22.40 -1.73
C LEU B 19 30.29 -21.63 -2.81
N ASP B 20 31.62 -21.75 -2.85
CA ASP B 20 32.39 -21.11 -3.92
C ASP B 20 32.21 -21.84 -5.24
N PHE B 21 32.12 -23.17 -5.23
CA PHE B 21 31.69 -23.85 -6.44
C PHE B 21 30.30 -23.43 -6.87
N ILE B 22 29.40 -23.26 -5.89
CA ILE B 22 28.03 -22.86 -6.19
C ILE B 22 28.01 -21.44 -6.75
N ARG B 23 28.93 -20.60 -6.32
CA ARG B 23 28.98 -19.21 -6.75
C ARG B 23 29.50 -19.16 -8.18
N TYR B 24 28.58 -19.09 -9.14
CA TYR B 24 28.98 -19.01 -10.54
C TYR B 24 29.39 -17.60 -10.94
N ASP B 25 28.87 -16.57 -10.28
CA ASP B 25 29.19 -15.22 -10.70
C ASP B 25 30.66 -14.89 -10.43
N VAL B 26 31.18 -15.33 -9.28
CA VAL B 26 32.57 -15.07 -8.92
C VAL B 26 33.45 -16.15 -9.52
N LYS B 27 34.41 -15.74 -10.36
CA LYS B 27 35.31 -16.68 -11.01
C LYS B 27 36.26 -17.32 -9.98
N THR B 28 36.76 -18.64 -10.32
CA THR B 28 37.61 -19.39 -9.40
C THR B 28 39.08 -19.23 -9.74
N PRO B 29 39.98 -19.42 -8.79
CA PRO B 29 41.41 -19.24 -9.09
C PRO B 29 42.01 -20.29 -10.02
N LYS B 30 43.31 -20.16 -10.31
CA LYS B 30 43.92 -21.02 -11.33
C LYS B 30 43.88 -22.49 -10.92
N LYS B 31 44.29 -22.79 -9.68
CA LYS B 31 44.17 -24.15 -9.18
C LYS B 31 42.70 -24.43 -8.84
N THR B 32 42.14 -25.47 -9.45
CA THR B 32 40.73 -25.78 -9.31
C THR B 32 40.55 -27.22 -8.85
N LYS B 33 39.65 -27.42 -7.88
CA LYS B 33 39.27 -28.74 -7.39
C LYS B 33 37.81 -29.05 -7.72
N TYR B 34 37.37 -28.68 -8.91
CA TYR B 34 35.94 -28.51 -9.16
C TYR B 34 35.16 -29.81 -9.39
N ILE B 35 35.74 -30.96 -9.01
CA ILE B 35 35.35 -32.25 -9.58
C ILE B 35 34.41 -33.00 -8.63
N LEU B 36 33.54 -33.81 -9.23
CA LEU B 36 32.77 -34.86 -8.57
C LEU B 36 33.67 -36.05 -8.28
N GLN B 37 33.17 -36.98 -7.47
CA GLN B 37 33.95 -38.14 -7.07
C GLN B 37 33.17 -39.44 -7.16
N ARG B 38 33.87 -40.49 -7.65
CA ARG B 38 33.50 -41.91 -7.75
C ARG B 38 32.40 -42.13 -8.78
N PRO B 39 32.70 -42.00 -10.08
CA PRO B 39 31.65 -41.78 -11.07
C PRO B 39 30.94 -43.01 -11.62
N THR B 40 31.23 -44.22 -11.16
CA THR B 40 30.66 -45.40 -11.80
C THR B 40 29.31 -45.74 -11.15
N ALA B 41 28.32 -44.94 -11.51
CA ALA B 41 26.97 -45.08 -10.96
C ALA B 41 25.94 -45.00 -12.09
N THR B 42 24.99 -45.93 -12.07
CA THR B 42 23.90 -45.97 -13.04
C THR B 42 22.56 -45.55 -12.43
N ASP B 43 22.49 -45.34 -11.11
CA ASP B 43 21.28 -44.83 -10.49
C ASP B 43 20.84 -43.52 -11.15
N GLU B 44 19.53 -43.42 -11.44
CA GLU B 44 18.98 -42.20 -12.01
C GLU B 44 19.29 -41.00 -11.13
N GLU B 45 19.17 -41.16 -9.80
CA GLU B 45 19.40 -40.03 -8.92
C GLU B 45 20.87 -39.67 -8.84
N SER B 46 21.77 -40.62 -9.11
CA SER B 46 23.17 -40.25 -9.14
C SER B 46 23.52 -39.45 -10.39
N VAL B 47 22.82 -39.67 -11.51
CA VAL B 47 23.03 -38.84 -12.69
C VAL B 47 22.35 -37.48 -12.55
N ARG B 48 21.31 -37.35 -11.73
CA ARG B 48 20.87 -36.01 -11.35
C ARG B 48 22.04 -35.22 -10.78
N LEU B 49 22.84 -35.84 -9.91
CA LEU B 49 24.03 -35.18 -9.39
C LEU B 49 25.06 -34.95 -10.48
N GLN B 50 25.23 -35.92 -11.37
CA GLN B 50 26.26 -35.79 -12.40
C GLN B 50 25.87 -34.74 -13.44
N ARG B 51 24.59 -34.71 -13.83
CA ARG B 51 24.12 -33.63 -14.70
C ARG B 51 24.26 -32.28 -14.00
N PHE B 52 23.95 -32.22 -12.71
CA PHE B 52 24.18 -31.01 -11.92
C PHE B 52 25.63 -30.57 -11.99
N TYR B 53 26.56 -31.54 -11.93
CA TYR B 53 27.98 -31.19 -11.97
C TYR B 53 28.36 -30.57 -13.31
N GLN B 54 27.86 -31.13 -14.41
CA GLN B 54 28.16 -30.58 -15.72
C GLN B 54 27.51 -29.22 -15.90
N LEU B 55 26.28 -29.06 -15.41
CA LEU B 55 25.63 -27.75 -15.43
C LEU B 55 26.48 -26.74 -14.66
N GLY B 56 27.08 -27.16 -13.56
CA GLY B 56 27.83 -26.23 -12.73
C GLY B 56 29.12 -25.77 -13.39
N VAL B 57 29.88 -26.70 -13.96
CA VAL B 57 31.12 -26.32 -14.62
C VAL B 57 30.83 -25.40 -15.79
N ASP B 58 29.79 -25.72 -16.56
CA ASP B 58 29.42 -24.87 -17.68
C ASP B 58 29.03 -23.48 -17.20
N LEU B 59 28.24 -23.38 -16.13
CA LEU B 59 27.84 -22.08 -15.60
C LEU B 59 29.05 -21.24 -15.27
N LYS B 60 30.03 -21.85 -14.60
CA LYS B 60 31.21 -21.12 -14.18
C LYS B 60 32.00 -20.63 -15.38
N LEU B 61 32.05 -21.45 -16.42
CA LEU B 61 32.84 -21.11 -17.58
C LEU B 61 32.25 -19.94 -18.33
N LYS B 62 30.92 -19.88 -18.38
CA LYS B 62 30.23 -18.86 -19.14
C LYS B 62 30.67 -17.47 -18.70
N TYR B 63 30.90 -17.27 -17.41
CA TYR B 63 31.23 -15.94 -16.93
C TYR B 63 32.57 -15.47 -17.47
N SER B 64 33.45 -16.40 -17.81
CA SER B 64 34.73 -15.98 -18.39
C SER B 64 34.52 -15.46 -19.79
N LYS B 65 33.65 -16.12 -20.54
CA LYS B 65 33.29 -15.67 -21.86
C LYS B 65 32.19 -14.62 -21.84
N ARG B 66 31.52 -14.46 -20.70
CA ARG B 66 30.45 -13.47 -20.60
C ARG B 66 31.03 -12.06 -20.57
N ARG B 67 32.10 -11.87 -19.82
CA ARG B 67 32.78 -10.59 -19.81
C ARG B 67 33.47 -10.30 -21.13
N SER B 68 33.88 -11.36 -21.84
CA SER B 68 34.53 -11.21 -23.14
C SER B 68 33.48 -11.30 -24.25
N LEU B 69 32.62 -10.27 -24.28
CA LEU B 69 31.79 -10.07 -25.46
C LEU B 69 32.60 -9.58 -26.63
N LYS B 70 33.64 -8.78 -26.36
CA LYS B 70 34.50 -8.20 -27.39
C LYS B 70 33.69 -7.39 -28.40
N LYS B 71 32.65 -6.72 -27.88
CA LYS B 71 31.75 -5.91 -28.70
C LYS B 71 31.09 -6.74 -29.81
N GLN B 72 30.67 -7.96 -29.47
CA GLN B 72 29.98 -8.79 -30.45
C GLN B 72 28.62 -8.20 -30.82
N GLY B 73 27.95 -7.55 -29.86
CA GLY B 73 26.55 -7.21 -30.00
C GLY B 73 25.70 -7.84 -28.92
N ARG B 74 24.42 -8.06 -29.23
CA ARG B 74 23.46 -8.58 -28.27
C ARG B 74 23.95 -9.88 -27.63
N ILE B 75 23.64 -10.04 -26.34
CA ILE B 75 24.01 -11.24 -25.61
C ILE B 75 22.78 -11.70 -24.86
N LYS B 76 21.62 -11.15 -25.24
CA LYS B 76 20.35 -11.57 -24.65
C LYS B 76 20.14 -13.06 -24.80
N ASN B 77 20.46 -13.61 -25.98
CA ASN B 77 20.40 -15.06 -26.14
C ASN B 77 21.37 -15.75 -25.22
N ALA B 78 22.61 -15.24 -25.16
CA ALA B 78 23.60 -15.78 -24.25
C ALA B 78 23.19 -15.59 -22.80
N THR B 79 22.57 -14.46 -22.48
CA THR B 79 21.96 -14.30 -21.17
C THR B 79 20.86 -15.32 -20.95
N GLU B 80 20.01 -15.53 -21.95
CA GLU B 80 18.99 -16.56 -21.84
C GLU B 80 19.61 -17.94 -21.73
N GLU B 81 20.78 -18.15 -22.35
CA GLU B 81 21.49 -19.40 -22.13
C GLU B 81 21.85 -19.57 -20.66
N LEU B 82 22.45 -18.53 -20.05
CA LEU B 82 22.78 -18.60 -18.63
C LEU B 82 21.55 -18.84 -17.77
N LEU B 83 20.38 -18.37 -18.19
CA LEU B 83 19.20 -18.42 -17.34
C LEU B 83 18.58 -19.81 -17.31
N ARG B 84 18.44 -20.46 -18.47
CA ARG B 84 17.94 -21.83 -18.45
C ARG B 84 19.03 -22.81 -18.03
N LEU B 85 20.29 -22.46 -18.25
CA LEU B 85 21.39 -23.14 -17.56
C LEU B 85 21.12 -23.16 -16.06
N ALA B 86 20.93 -21.97 -15.47
CA ALA B 86 20.72 -21.90 -14.03
C ALA B 86 19.36 -22.44 -13.62
N ASN B 87 18.37 -22.42 -14.52
CA ASN B 87 17.02 -22.80 -14.10
C ASN B 87 16.82 -24.31 -14.10
N GLU B 88 17.26 -25.01 -15.14
CA GLU B 88 17.19 -26.46 -15.10
C GLU B 88 18.24 -27.03 -14.14
N GLN B 89 19.22 -26.23 -13.74
CA GLN B 89 20.12 -26.61 -12.66
C GLN B 89 19.43 -26.49 -11.32
N LEU B 90 18.77 -25.36 -11.08
CA LEU B 90 18.11 -25.17 -9.80
C LEU B 90 16.85 -26.02 -9.71
N LYS B 91 16.19 -26.30 -10.84
CA LYS B 91 15.06 -27.21 -10.80
C LYS B 91 15.53 -28.64 -10.55
N LEU B 92 16.80 -28.92 -10.84
CA LEU B 92 17.36 -30.23 -10.54
C LEU B 92 17.85 -30.31 -9.11
N PHE B 93 18.46 -29.24 -8.59
CA PHE B 93 18.79 -29.20 -7.16
C PHE B 93 17.53 -29.37 -6.33
N ASN B 94 16.42 -28.80 -6.79
CA ASN B 94 15.14 -29.02 -6.14
C ASN B 94 14.76 -30.49 -6.19
N ARG B 95 15.02 -31.16 -7.31
CA ARG B 95 14.80 -32.60 -7.37
C ARG B 95 15.70 -33.34 -6.38
N ILE B 96 16.89 -32.80 -6.12
CA ILE B 96 17.82 -33.42 -5.18
C ILE B 96 17.41 -33.09 -3.75
N VAL B 97 17.15 -31.82 -3.49
CA VAL B 97 16.91 -31.36 -2.13
C VAL B 97 15.54 -31.78 -1.62
N GLU B 98 14.63 -32.15 -2.52
CA GLU B 98 13.28 -32.52 -2.12
C GLU B 98 13.31 -33.66 -1.11
N ARG B 99 14.16 -34.65 -1.33
CA ARG B 99 14.28 -35.78 -0.42
C ARG B 99 15.77 -35.98 -0.10
N GLU B 100 16.30 -35.04 0.69
CA GLU B 100 17.61 -35.11 1.32
C GLU B 100 17.45 -34.43 2.68
N THR B 101 18.50 -34.45 3.50
CA THR B 101 18.33 -33.81 4.79
C THR B 101 18.47 -32.29 4.65
N ASN B 102 18.30 -31.60 5.76
CA ASN B 102 18.36 -30.14 5.76
C ASN B 102 19.76 -29.60 5.66
N TRP B 103 20.76 -30.46 5.52
CA TRP B 103 22.11 -29.96 5.32
C TRP B 103 22.18 -29.07 4.10
N ILE B 104 21.33 -29.32 3.12
CA ILE B 104 21.53 -28.83 1.77
C ILE B 104 20.57 -27.67 1.44
N ILE B 105 20.04 -26.99 2.46
CA ILE B 105 19.08 -25.92 2.17
C ILE B 105 19.77 -24.58 1.94
N TYR B 106 20.82 -24.28 2.70
CA TYR B 106 21.51 -23.01 2.46
C TYR B 106 22.26 -23.01 1.13
N PRO B 107 22.81 -24.15 0.67
CA PRO B 107 23.28 -24.19 -0.71
C PRO B 107 22.17 -23.97 -1.72
N LEU B 108 20.96 -24.42 -1.41
CA LEU B 108 19.82 -24.15 -2.29
C LEU B 108 19.52 -22.65 -2.34
N TRP B 109 19.72 -21.97 -1.21
CA TRP B 109 19.35 -20.56 -1.08
C TRP B 109 20.38 -19.65 -1.74
N VAL B 110 21.66 -19.96 -1.60
CA VAL B 110 22.69 -19.17 -2.27
C VAL B 110 22.56 -19.30 -3.77
N MSE B 111 22.19 -20.48 -4.25
CA MSE B 111 21.91 -20.69 -5.65
C MSE B 111 20.73 -19.81 -6.04
O MSE B 111 20.81 -19.03 -7.00
CB MSE B 111 21.61 -22.15 -5.92
CG MSE B 111 21.39 -22.50 -7.39
SE MSE B 111 21.31 -24.42 -7.70
CE MSE B 111 23.19 -24.89 -7.53
N ALA B 112 19.65 -19.93 -5.27
CA ALA B 112 18.45 -19.17 -5.57
C ALA B 112 18.72 -17.67 -5.56
N LYS B 113 19.48 -17.20 -4.57
CA LYS B 113 19.65 -15.75 -4.42
C LYS B 113 20.47 -15.16 -5.56
N GLN B 114 21.37 -15.95 -6.14
CA GLN B 114 22.13 -15.41 -7.25
C GLN B 114 21.43 -15.56 -8.58
N LEU B 115 20.47 -16.49 -8.68
CA LEU B 115 19.60 -16.52 -9.85
C LEU B 115 18.66 -15.33 -9.87
N ILE B 116 18.40 -14.75 -8.70
CA ILE B 116 17.62 -13.51 -8.64
C ILE B 116 18.45 -12.35 -9.17
N ARG B 117 19.71 -12.26 -8.73
CA ARG B 117 20.60 -11.27 -9.29
C ARG B 117 20.97 -11.57 -10.73
N LEU B 118 20.73 -12.81 -11.19
CA LEU B 118 20.94 -13.15 -12.58
C LEU B 118 19.89 -12.49 -13.47
N ALA B 119 18.64 -12.54 -13.03
CA ALA B 119 17.58 -11.79 -13.69
C ALA B 119 17.52 -10.34 -13.25
N ASN B 120 18.20 -9.99 -12.16
CA ASN B 120 18.26 -8.61 -11.73
C ASN B 120 19.02 -7.73 -12.72
N GLU B 121 20.10 -8.24 -13.31
CA GLU B 121 20.86 -7.39 -14.21
C GLU B 121 20.06 -7.02 -15.46
N SER B 122 19.30 -7.97 -15.99
CA SER B 122 18.46 -7.69 -17.15
C SER B 122 17.45 -6.60 -16.81
N SER B 123 17.35 -5.60 -17.67
CA SER B 123 16.53 -4.42 -17.40
C SER B 123 15.26 -4.38 -18.24
N GLU B 124 14.97 -5.44 -18.99
CA GLU B 124 13.79 -5.45 -19.86
C GLU B 124 12.81 -6.51 -19.39
N LEU B 125 11.61 -6.06 -19.00
CA LEU B 125 10.56 -6.94 -18.52
C LEU B 125 9.60 -7.39 -19.62
N ASN B 126 9.81 -6.98 -20.88
CA ASN B 126 9.00 -7.60 -21.93
C ASN B 126 9.47 -9.03 -22.19
N LYS B 127 10.79 -9.26 -22.13
CA LYS B 127 11.37 -10.59 -22.26
C LYS B 127 11.80 -11.17 -20.92
N ASP B 128 11.21 -10.70 -19.82
CA ASP B 128 11.64 -11.15 -18.50
C ASP B 128 11.55 -12.67 -18.39
N SER B 129 12.64 -13.31 -17.95
CA SER B 129 12.62 -14.73 -17.66
C SER B 129 12.39 -15.00 -16.18
N ILE B 130 11.86 -14.01 -15.47
CA ILE B 130 11.64 -14.06 -14.04
C ILE B 130 10.65 -15.17 -13.67
N GLU B 131 9.75 -15.52 -14.59
CA GLU B 131 8.73 -16.54 -14.31
C GLU B 131 9.36 -17.88 -13.98
N GLU B 132 10.33 -18.31 -14.78
CA GLU B 132 11.11 -19.49 -14.46
C GLU B 132 11.63 -19.44 -13.03
N CYS B 133 12.30 -18.34 -12.68
CA CYS B 133 12.84 -18.17 -11.32
C CYS B 133 11.75 -18.22 -10.27
N GLY B 134 10.68 -17.42 -10.43
CA GLY B 134 9.63 -17.40 -9.44
C GLY B 134 9.03 -18.77 -9.19
N ARG B 135 8.71 -19.50 -10.26
CA ARG B 135 8.25 -20.88 -10.14
C ARG B 135 9.30 -21.74 -9.44
N THR B 136 10.53 -21.71 -9.96
CA THR B 136 11.61 -22.48 -9.36
C THR B 136 11.75 -22.21 -7.87
N ILE B 137 11.73 -20.94 -7.49
CA ILE B 137 11.87 -20.58 -6.08
C ILE B 137 10.61 -20.95 -5.30
N HIS B 138 9.44 -20.80 -5.93
CA HIS B 138 8.20 -21.23 -5.29
C HIS B 138 8.27 -22.69 -4.90
N ARG B 139 8.75 -23.52 -5.81
CA ARG B 139 8.98 -24.92 -5.45
C ARG B 139 10.01 -25.03 -4.35
N SER B 140 11.10 -24.26 -4.43
CA SER B 140 12.11 -24.28 -3.38
C SER B 140 11.52 -23.88 -2.04
N PHE B 141 10.71 -22.83 -2.02
CA PHE B 141 9.99 -22.50 -0.80
C PHE B 141 9.06 -23.63 -0.39
N THR B 142 8.42 -24.27 -1.37
CA THR B 142 7.51 -25.37 -1.08
C THR B 142 8.23 -26.60 -0.57
N ILE B 143 9.38 -26.92 -1.16
CA ILE B 143 10.11 -28.13 -0.79
C ILE B 143 10.48 -28.11 0.69
N CYS B 144 10.77 -26.93 1.22
CA CYS B 144 11.00 -26.71 2.64
C CYS B 144 9.70 -26.52 3.40
N LEU B 145 8.71 -25.87 2.76
CA LEU B 145 7.50 -25.47 3.45
C LEU B 145 6.72 -26.67 3.98
N ASN B 146 6.71 -27.76 3.23
CA ASN B 146 6.03 -28.98 3.64
C ASN B 146 7.07 -30.09 3.73
N ASP B 147 7.59 -30.29 4.92
CA ASP B 147 8.51 -31.37 5.24
C ASP B 147 7.75 -32.40 6.07
N ARG B 148 7.67 -33.64 5.57
CA ARG B 148 6.91 -34.70 6.23
C ARG B 148 7.77 -35.53 7.17
N ASN B 149 8.89 -34.99 7.66
CA ASN B 149 9.74 -35.67 8.65
C ASN B 149 9.61 -35.00 10.01
N PRO B 150 8.94 -35.61 10.99
CA PRO B 150 8.81 -34.96 12.31
C PRO B 150 10.11 -34.80 13.06
N ARG B 151 11.05 -35.74 12.92
CA ARG B 151 12.38 -35.54 13.47
C ARG B 151 13.06 -34.35 12.80
N LEU B 152 13.78 -33.58 13.59
CA LEU B 152 14.35 -32.32 13.13
C LEU B 152 15.75 -32.46 12.55
N ASN B 153 16.31 -33.68 12.46
CA ASN B 153 17.65 -33.77 11.88
C ASN B 153 17.64 -33.33 10.42
N GLU B 154 16.56 -33.63 9.70
CA GLU B 154 16.49 -33.30 8.28
C GLU B 154 15.39 -32.31 7.93
N ASN B 155 14.73 -31.71 8.92
CA ASN B 155 13.62 -30.81 8.66
C ASN B 155 14.09 -29.56 7.96
N LYS B 156 13.44 -29.21 6.85
CA LYS B 156 13.80 -28.04 6.07
C LYS B 156 12.86 -26.87 6.31
N LYS B 157 11.94 -26.99 7.27
CA LYS B 157 11.04 -25.89 7.60
C LYS B 157 11.68 -24.82 8.47
N ILE B 158 12.92 -25.01 8.92
CA ILE B 158 13.63 -23.93 9.60
C ILE B 158 14.20 -22.91 8.62
N GLY B 159 14.35 -23.26 7.35
CA GLY B 159 14.70 -22.30 6.31
C GLY B 159 13.54 -21.64 5.62
N CYS B 160 12.33 -21.81 6.16
CA CYS B 160 11.12 -21.34 5.50
C CYS B 160 11.13 -19.83 5.30
N TYR B 161 11.66 -19.11 6.28
CA TYR B 161 11.60 -17.65 6.21
C TYR B 161 12.65 -17.06 5.29
N MSE B 162 13.82 -17.69 5.22
CA MSE B 162 14.87 -17.25 4.33
C MSE B 162 14.37 -17.28 2.90
O MSE B 162 14.66 -16.39 2.10
CB MSE B 162 16.11 -18.12 4.48
CG MSE B 162 16.82 -17.96 5.82
SE MSE B 162 18.27 -19.24 6.08
CE MSE B 162 19.58 -18.50 4.84
N PHE B 163 13.62 -18.32 2.58
CA PHE B 163 13.16 -18.49 1.22
C PHE B 163 12.00 -17.56 0.90
N ALA B 164 11.26 -17.13 1.92
CA ALA B 164 10.20 -16.16 1.70
C ALA B 164 10.78 -14.83 1.26
N ASN B 165 11.94 -14.44 1.80
CA ASN B 165 12.57 -13.19 1.42
C ASN B 165 12.98 -13.19 -0.04
N LEU B 166 13.34 -14.35 -0.58
CA LEU B 166 13.61 -14.45 -2.01
C LEU B 166 12.36 -14.17 -2.82
N GLU B 167 11.21 -14.68 -2.38
CA GLU B 167 9.97 -14.47 -3.12
C GLU B 167 9.49 -13.04 -2.97
N PHE B 168 9.56 -12.49 -1.74
CA PHE B 168 9.28 -11.07 -1.54
C PHE B 168 10.08 -10.22 -2.51
N SER B 169 11.37 -10.50 -2.62
CA SER B 169 12.23 -9.75 -3.53
C SER B 169 11.73 -9.82 -4.96
N ILE B 170 11.28 -10.99 -5.38
CA ILE B 170 10.79 -11.16 -6.74
C ILE B 170 9.42 -10.53 -6.91
N TYR B 171 8.57 -10.63 -5.89
CA TYR B 171 7.22 -10.10 -5.98
C TYR B 171 7.20 -8.58 -5.93
N HIS B 172 8.27 -7.94 -5.45
CA HIS B 172 8.37 -6.49 -5.42
C HIS B 172 8.95 -5.91 -6.70
N ARG B 173 9.59 -6.73 -7.53
CA ARG B 173 10.24 -6.26 -8.76
C ARG B 173 9.27 -5.47 -9.62
N LEU B 174 8.13 -6.06 -9.96
CA LEU B 174 7.01 -5.37 -10.57
C LEU B 174 5.87 -5.36 -9.56
N SER B 175 5.26 -4.19 -9.39
CA SER B 175 4.28 -4.00 -8.31
C SER B 175 3.18 -5.06 -8.41
N ASN B 176 3.18 -5.95 -7.43
CA ASN B 176 2.15 -6.97 -7.28
C ASN B 176 1.83 -6.98 -5.79
N LYS B 177 0.75 -6.33 -5.37
CA LYS B 177 0.42 -6.37 -3.95
C LYS B 177 -0.49 -7.52 -3.56
N ASP B 178 -1.09 -8.20 -4.54
CA ASP B 178 -1.82 -9.43 -4.26
C ASP B 178 -0.86 -10.54 -3.86
N MSE B 179 0.26 -10.67 -4.57
CA MSE B 179 1.19 -11.79 -4.39
C MSE B 179 1.98 -11.72 -3.08
O MSE B 179 2.21 -12.74 -2.43
CB MSE B 179 2.17 -11.86 -5.57
CG MSE B 179 1.58 -12.43 -6.85
SE MSE B 179 2.83 -13.61 -7.79
CE MSE B 179 3.32 -12.49 -9.31
N ILE B 180 2.40 -10.52 -2.72
CA ILE B 180 3.00 -10.34 -1.40
C ILE B 180 1.99 -10.70 -0.32
N LYS B 181 0.73 -10.33 -0.53
CA LYS B 181 -0.31 -10.56 0.48
C LYS B 181 -0.50 -12.04 0.78
N ASN B 182 -0.45 -12.88 -0.24
CA ASN B 182 -0.59 -14.31 -0.03
C ASN B 182 0.48 -14.83 0.92
N LEU B 183 1.73 -14.42 0.69
CA LEU B 183 2.85 -15.01 1.42
C LEU B 183 2.82 -14.64 2.89
N VAL B 184 2.44 -13.40 3.20
CA VAL B 184 2.32 -12.99 4.60
C VAL B 184 1.28 -13.85 5.30
N LYS B 185 0.13 -14.05 4.65
CA LYS B 185 -1.02 -14.64 5.34
C LYS B 185 -0.86 -16.14 5.53
N VAL B 186 -0.27 -16.83 4.55
CA VAL B 186 -0.05 -18.27 4.71
C VAL B 186 0.94 -18.51 5.84
N LEU B 187 2.06 -17.79 5.83
CA LEU B 187 3.12 -18.02 6.80
C LEU B 187 2.65 -17.76 8.22
N GLU B 188 1.86 -16.70 8.41
CA GLU B 188 1.29 -16.42 9.72
C GLU B 188 0.60 -17.65 10.30
N SER B 189 -0.26 -18.28 9.51
CA SER B 189 -1.02 -19.43 9.98
C SER B 189 -0.11 -20.59 10.34
N ARG B 190 0.96 -20.77 9.56
CA ARG B 190 1.75 -21.99 9.67
C ARG B 190 2.42 -22.10 11.02
N VAL B 191 3.03 -21.01 11.49
CA VAL B 191 3.68 -21.06 12.79
C VAL B 191 2.68 -20.95 13.93
N ASN B 192 1.49 -20.42 13.69
CA ASN B 192 0.49 -20.39 14.74
C ASN B 192 -0.07 -21.78 14.99
N ALA B 193 -0.15 -22.60 13.95
CA ALA B 193 -0.38 -24.03 14.10
C ALA B 193 0.91 -24.79 14.41
N ARG B 194 2.04 -24.10 14.51
CA ARG B 194 3.34 -24.70 14.80
C ARG B 194 3.78 -25.68 13.72
N ASP B 195 3.34 -25.48 12.48
CA ASP B 195 3.84 -26.26 11.37
C ASP B 195 5.28 -25.91 10.99
N ILE B 196 5.73 -24.69 11.27
CA ILE B 196 7.13 -24.29 11.09
C ILE B 196 7.55 -23.59 12.38
N PRO B 197 8.86 -23.47 12.65
CA PRO B 197 9.27 -22.84 13.91
C PRO B 197 9.40 -21.33 13.78
N PRO B 198 9.31 -20.59 14.90
CA PRO B 198 9.42 -19.11 14.83
C PRO B 198 10.72 -18.61 14.23
N LEU B 199 10.71 -17.37 13.75
CA LEU B 199 11.88 -16.78 13.13
C LEU B 199 13.06 -16.66 14.09
N ASN B 200 12.80 -16.51 15.39
CA ASN B 200 13.94 -16.39 16.30
C ASN B 200 14.60 -17.73 16.57
N LYS B 201 13.94 -18.83 16.20
CA LYS B 201 14.54 -20.16 16.27
C LYS B 201 14.52 -20.83 14.90
N SER B 202 14.65 -20.03 13.85
CA SER B 202 14.71 -20.52 12.47
C SER B 202 16.16 -20.54 11.98
N LEU B 203 16.33 -20.98 10.73
CA LEU B 203 17.65 -20.93 10.12
C LEU B 203 18.07 -19.51 9.75
N ALA B 204 17.17 -18.55 9.94
CA ALA B 204 17.54 -17.16 9.70
C ALA B 204 18.49 -16.63 10.78
N MSE B 205 18.58 -17.26 11.93
CA MSE B 205 19.51 -16.81 12.98
C MSE B 205 20.95 -17.14 12.60
O MSE B 205 21.89 -16.53 13.10
CB MSE B 205 19.15 -17.45 14.31
CG MSE B 205 17.73 -17.15 14.74
SE MSE B 205 17.38 -15.21 14.80
CE MSE B 205 17.69 -14.85 16.70
N GLU B 206 21.12 -18.11 11.70
CA GLU B 206 22.46 -18.43 11.23
C GLU B 206 22.97 -17.38 10.27
N HIS B 207 22.07 -16.76 9.51
CA HIS B 207 22.40 -15.71 8.56
C HIS B 207 21.40 -14.57 8.82
N LYS B 208 21.82 -13.61 9.65
CA LYS B 208 20.91 -12.63 10.23
C LYS B 208 20.57 -11.50 9.27
N SER B 209 21.24 -11.43 8.12
CA SER B 209 20.80 -10.55 7.05
C SER B 209 19.35 -10.84 6.69
N GLN B 210 19.00 -12.12 6.58
CA GLN B 210 17.63 -12.51 6.28
C GLN B 210 16.71 -12.29 7.48
N VAL B 211 17.24 -12.19 8.70
CA VAL B 211 16.41 -11.83 9.83
C VAL B 211 15.86 -10.41 9.66
N VAL B 212 16.76 -9.45 9.44
CA VAL B 212 16.34 -8.08 9.30
C VAL B 212 15.41 -7.94 8.10
N LEU B 213 15.75 -8.62 7.00
CA LEU B 213 14.98 -8.49 5.77
C LEU B 213 13.56 -8.99 5.94
N TYR B 214 13.38 -10.09 6.64
CA TYR B 214 12.03 -10.64 6.76
C TYR B 214 11.13 -9.72 7.59
N ASN B 215 11.68 -9.12 8.64
CA ASN B 215 10.90 -8.17 9.41
C ASN B 215 10.60 -6.92 8.60
N TYR B 216 11.49 -6.57 7.66
CA TYR B 216 11.24 -5.42 6.79
C TYR B 216 10.10 -5.72 5.81
N TYR B 217 10.20 -6.84 5.09
CA TYR B 217 9.16 -7.20 4.14
C TYR B 217 7.80 -7.30 4.82
N LEU B 218 7.77 -7.84 6.03
CA LEU B 218 6.49 -7.94 6.75
C LEU B 218 5.99 -6.56 7.15
N GLY B 219 6.84 -5.78 7.83
CA GLY B 219 6.42 -4.48 8.31
C GLY B 219 6.08 -3.52 7.19
N GLN B 220 6.80 -3.61 6.08
CA GLN B 220 6.48 -2.79 4.93
C GLN B 220 5.13 -3.19 4.36
N TYR B 221 4.90 -4.49 4.19
CA TYR B 221 3.60 -4.93 3.71
C TYR B 221 2.50 -4.47 4.64
N TYR B 222 2.73 -4.59 5.95
CA TYR B 222 1.67 -4.26 6.90
C TYR B 222 1.43 -2.76 6.95
N GLY B 223 2.48 -1.97 6.81
CA GLY B 223 2.34 -0.53 6.94
C GLY B 223 1.97 0.20 5.66
N CYS B 224 2.48 -0.28 4.52
CA CYS B 224 2.30 0.43 3.26
C CYS B 224 1.25 -0.18 2.35
N LEU B 225 0.92 -1.46 2.51
CA LEU B 225 0.03 -2.15 1.59
C LEU B 225 -1.30 -2.52 2.21
N GLU B 226 -1.29 -3.12 3.39
CA GLU B 226 -2.52 -3.52 4.07
C GLU B 226 -2.94 -2.53 5.16
N ASN B 227 -2.21 -1.43 5.32
CA ASN B 227 -2.58 -0.32 6.21
C ASN B 227 -2.77 -0.76 7.66
N ASP B 228 -2.13 -1.85 8.06
CA ASP B 228 -2.07 -2.25 9.47
C ASP B 228 -0.81 -1.62 10.04
N HIS B 229 -0.98 -0.43 10.61
CA HIS B 229 0.18 0.34 11.05
C HIS B 229 0.79 -0.24 12.32
N GLU B 230 -0.07 -0.70 13.25
CA GLU B 230 0.42 -1.21 14.52
C GLU B 230 1.36 -2.39 14.33
N ARG B 231 1.05 -3.27 13.38
CA ARG B 231 1.94 -4.39 13.09
C ARG B 231 3.09 -3.97 12.19
N GLY B 232 2.84 -3.04 11.26
CA GLY B 232 3.89 -2.49 10.43
C GLY B 232 4.99 -1.84 11.24
N PHE B 233 4.62 -1.02 12.23
CA PHE B 233 5.62 -0.49 13.14
C PHE B 233 6.41 -1.61 13.79
N PHE B 234 5.71 -2.63 14.27
CA PHE B 234 6.34 -3.66 15.08
C PHE B 234 7.48 -4.32 14.32
N HIS B 235 7.19 -4.84 13.13
CA HIS B 235 8.17 -5.65 12.45
C HIS B 235 9.31 -4.79 11.92
N LEU B 236 9.00 -3.57 11.48
CA LEU B 236 10.05 -2.65 11.07
C LEU B 236 10.93 -2.28 12.25
N ASN B 237 10.33 -1.99 13.40
CA ASN B 237 11.12 -1.70 14.60
C ASN B 237 12.00 -2.89 14.97
N GLU B 238 11.45 -4.10 14.87
CA GLU B 238 12.25 -5.28 15.18
C GLU B 238 13.35 -5.47 14.14
N ALA B 239 13.09 -5.08 12.89
CA ALA B 239 14.12 -5.18 11.85
C ALA B 239 15.29 -4.27 12.16
N LEU B 240 15.02 -3.11 12.77
CA LEU B 240 16.09 -2.20 13.14
C LEU B 240 16.78 -2.66 14.42
N LEU B 241 16.04 -3.28 15.33
CA LEU B 241 16.62 -3.75 16.58
C LEU B 241 17.53 -4.95 16.40
N GLN B 242 17.51 -5.60 15.24
CA GLN B 242 18.38 -6.73 14.96
C GLN B 242 19.50 -6.35 14.01
N CYS B 243 19.64 -5.06 13.69
CA CYS B 243 20.72 -4.63 12.83
C CYS B 243 22.02 -4.57 13.62
N PRO B 244 23.16 -4.90 13.01
CA PRO B 244 24.40 -5.04 13.77
C PRO B 244 24.99 -3.69 14.12
N MSE B 245 25.47 -3.56 15.35
CA MSE B 245 26.25 -2.40 15.68
C MSE B 245 27.70 -2.70 15.38
O MSE B 245 28.49 -3.12 16.23
CB MSE B 245 26.02 -1.96 17.10
CG MSE B 245 24.86 -1.02 17.11
SE MSE B 245 24.95 0.28 18.49
CE MSE B 245 24.23 -0.88 19.85
N LEU B 246 28.00 -2.49 14.10
CA LEU B 246 29.28 -2.75 13.49
C LEU B 246 29.44 -1.72 12.38
N TYR B 247 30.62 -1.17 12.25
CA TYR B 247 30.90 -0.12 11.28
C TYR B 247 31.96 -0.59 10.30
N VAL B 248 31.96 0.00 9.11
CA VAL B 248 33.06 -0.24 8.18
C VAL B 248 34.27 0.53 8.66
N GLU B 249 35.43 -0.16 8.69
CA GLU B 249 36.66 0.50 9.08
C GLU B 249 36.95 1.72 8.22
N SER B 250 36.64 1.61 6.93
CA SER B 250 37.12 2.58 5.97
C SER B 250 36.47 3.96 6.16
N THR B 251 35.18 3.99 6.49
CA THR B 251 34.48 5.26 6.67
C THR B 251 33.93 5.48 8.08
N GLY B 252 33.87 4.45 8.91
CA GLY B 252 33.31 4.62 10.24
C GLY B 252 31.81 4.71 10.31
N LYS B 253 31.11 4.45 9.21
CA LYS B 253 29.65 4.45 9.18
C LYS B 253 29.14 3.02 9.32
N PHE B 254 27.92 2.89 9.85
CA PHE B 254 27.31 1.57 10.06
C PHE B 254 27.50 0.70 8.83
N VAL B 255 27.79 -0.58 9.07
CA VAL B 255 28.00 -1.49 7.93
C VAL B 255 26.74 -1.51 7.07
N LEU B 256 25.58 -1.72 7.68
CA LEU B 256 24.31 -1.61 6.96
C LEU B 256 23.74 -0.21 7.18
N GLN B 257 24.33 0.76 6.45
CA GLN B 257 23.80 2.11 6.47
C GLN B 257 22.58 2.26 5.57
N GLY B 258 22.61 1.66 4.38
CA GLY B 258 21.49 1.76 3.48
C GLY B 258 20.26 1.04 4.00
N GLN B 259 20.45 -0.23 4.42
CA GLN B 259 19.34 -1.01 4.96
C GLN B 259 18.69 -0.30 6.13
N MSE B 260 19.48 0.27 7.02
CA MSE B 260 18.95 0.93 8.21
C MSE B 260 18.12 2.16 7.86
O MSE B 260 17.13 2.47 8.52
CB MSE B 260 20.08 1.31 9.17
CG MSE B 260 20.60 0.17 10.03
SE MSE B 260 22.29 0.54 10.94
CE MSE B 260 21.63 1.51 12.50
N GLU B 261 18.52 2.86 6.80
CA GLU B 261 17.91 4.14 6.46
C GLU B 261 16.55 3.95 5.81
N LYS B 262 16.42 2.98 4.90
CA LYS B 262 15.12 2.80 4.26
C LYS B 262 14.13 2.09 5.18
N ILE B 263 14.62 1.38 6.21
CA ILE B 263 13.77 1.01 7.32
C ILE B 263 13.29 2.25 8.05
N MSE B 264 14.19 3.20 8.27
CA MSE B 264 13.89 4.39 9.02
C MSE B 264 12.88 5.30 8.33
O MSE B 264 12.14 6.02 8.99
CB MSE B 264 15.18 5.16 9.30
CG MSE B 264 15.89 4.64 10.53
SE MSE B 264 15.04 5.25 12.16
CE MSE B 264 15.95 6.95 12.24
N ILE B 265 12.86 5.24 7.00
CA ILE B 265 11.91 6.04 6.24
C ILE B 265 10.48 5.70 6.65
N LEU B 266 10.21 4.41 6.78
CA LEU B 266 8.88 3.96 7.18
C LEU B 266 8.72 3.91 8.69
N LEU B 267 9.79 3.57 9.42
CA LEU B 267 9.67 3.35 10.85
C LEU B 267 9.28 4.63 11.58
N VAL B 268 9.93 5.74 11.26
CA VAL B 268 9.72 6.98 12.01
C VAL B 268 8.27 7.43 11.94
N PRO B 269 7.67 7.63 10.75
CA PRO B 269 6.27 8.09 10.75
C PRO B 269 5.31 7.03 11.24
N LEU B 270 5.60 5.74 11.00
CA LEU B 270 4.79 4.69 11.58
C LEU B 270 4.88 4.70 13.10
N ALA B 271 6.05 5.07 13.65
CA ALA B 271 6.20 5.09 15.10
C ALA B 271 5.40 6.23 15.72
N LEU B 272 5.31 7.36 15.01
CA LEU B 272 4.55 8.49 15.56
C LEU B 272 3.05 8.22 15.50
N LEU B 273 2.58 7.58 14.44
CA LEU B 273 1.14 7.36 14.27
C LEU B 273 0.61 6.35 15.28
N THR B 274 1.24 5.17 15.36
CA THR B 274 0.71 4.13 16.21
C THR B 274 0.87 4.48 17.68
N LYS B 275 2.10 4.67 18.13
CA LYS B 275 2.41 4.70 19.55
C LYS B 275 2.85 6.06 20.07
N ARG B 276 2.94 7.07 19.21
CA ARG B 276 3.38 8.40 19.62
C ARG B 276 4.82 8.41 20.09
N LEU B 277 5.63 7.52 19.52
CA LEU B 277 7.07 7.47 19.78
C LEU B 277 7.81 8.31 18.75
N TYR B 278 8.84 9.01 19.20
CA TYR B 278 9.70 9.78 18.32
C TYR B 278 11.15 9.59 18.74
N PRO B 279 12.10 9.79 17.82
CA PRO B 279 13.46 9.32 18.06
C PRO B 279 14.22 10.22 19.01
N HIS B 280 15.20 9.62 19.67
CA HIS B 280 16.25 10.36 20.36
C HIS B 280 17.33 10.71 19.33
N TRP B 281 17.40 11.97 18.94
CA TRP B 281 18.30 12.36 17.87
C TRP B 281 19.77 12.18 18.25
N ASP B 282 20.13 12.42 19.50
CA ASP B 282 21.53 12.24 19.90
C ASP B 282 21.94 10.78 19.99
N HIS B 283 20.97 9.88 20.15
CA HIS B 283 21.28 8.47 20.36
C HIS B 283 22.10 7.92 19.19
N PRO B 284 23.17 7.17 19.47
CA PRO B 284 24.04 6.65 18.41
C PRO B 284 23.36 6.04 17.18
N VAL B 285 22.24 5.34 17.37
CA VAL B 285 21.65 4.64 16.23
C VAL B 285 20.83 5.58 15.36
N ILE B 286 20.03 6.45 15.97
CA ILE B 286 19.26 7.42 15.21
C ILE B 286 20.21 8.43 14.58
N ALA B 287 21.14 8.96 15.38
CA ALA B 287 22.07 9.96 14.89
C ALA B 287 22.95 9.40 13.79
N GLY B 288 23.34 8.13 13.88
CA GLY B 288 24.22 7.57 12.86
C GLY B 288 23.55 7.49 11.51
N VAL B 289 22.22 7.43 11.49
CA VAL B 289 21.48 7.22 10.24
C VAL B 289 20.83 8.51 9.74
N ILE B 290 20.17 9.26 10.63
CA ILE B 290 19.43 10.44 10.20
C ILE B 290 20.38 11.52 9.67
N THR B 291 21.46 11.77 10.40
CA THR B 291 22.36 12.88 10.09
C THR B 291 23.22 12.62 8.87
N ARG B 292 23.42 11.37 8.51
CA ARG B 292 24.26 11.03 7.37
C ARG B 292 23.45 10.75 6.12
N SER B 293 22.15 11.03 6.14
CA SER B 293 21.29 10.80 4.99
C SER B 293 20.67 12.13 4.59
N LYS B 294 21.06 12.62 3.41
CA LYS B 294 20.55 13.89 2.91
C LYS B 294 19.03 13.94 2.95
N ARG B 295 18.38 12.84 2.54
CA ARG B 295 16.93 12.83 2.41
C ARG B 295 16.24 13.00 3.77
N LEU B 296 16.78 12.37 4.81
CA LEU B 296 16.17 12.39 6.13
C LEU B 296 16.77 13.45 7.05
N SER B 297 17.78 14.18 6.60
CA SER B 297 18.55 15.04 7.51
C SER B 297 17.72 16.21 8.03
N GLN B 298 16.80 16.74 7.22
CA GLN B 298 15.92 17.82 7.67
C GLN B 298 14.45 17.43 7.67
N VAL B 299 14.03 16.65 6.69
CA VAL B 299 12.60 16.34 6.56
C VAL B 299 12.06 15.74 7.84
N TYR B 300 12.77 14.76 8.40
CA TYR B 300 12.20 14.00 9.49
C TYR B 300 12.31 14.72 10.84
N PRO B 301 13.40 15.43 11.14
CA PRO B 301 13.34 16.29 12.34
C PRO B 301 12.23 17.32 12.26
N THR B 302 12.04 17.93 11.09
CA THR B 302 10.93 18.86 10.91
C THR B 302 9.60 18.13 11.01
N LEU B 303 9.53 16.92 10.48
CA LEU B 303 8.27 16.18 10.48
C LEU B 303 7.87 15.81 11.90
N VAL B 304 8.82 15.30 12.66
CA VAL B 304 8.56 14.99 14.06
C VAL B 304 8.19 16.25 14.84
N ARG B 305 8.85 17.35 14.53
CA ARG B 305 8.65 18.58 15.30
C ARG B 305 7.24 19.11 15.13
N SER B 306 6.73 19.10 13.90
CA SER B 306 5.41 19.66 13.66
C SER B 306 4.33 18.83 14.34
N VAL B 307 4.54 17.53 14.46
CA VAL B 307 3.55 16.67 15.10
C VAL B 307 3.54 16.90 16.61
N ILE B 308 4.72 16.94 17.21
CA ILE B 308 4.84 17.14 18.64
C ILE B 308 4.26 18.48 19.04
N SER B 309 4.44 19.49 18.20
CA SER B 309 4.07 20.86 18.51
C SER B 309 2.67 21.23 18.06
N GLY B 310 2.02 20.39 17.26
CA GLY B 310 0.72 20.77 16.74
C GLY B 310 0.79 21.82 15.65
N ASN B 311 1.92 21.90 14.94
CA ASN B 311 2.13 22.89 13.88
C ASN B 311 1.53 22.33 12.59
N LEU B 312 0.32 22.79 12.25
CA LEU B 312 -0.39 22.22 11.11
C LEU B 312 0.23 22.69 9.80
N SER B 313 0.54 23.98 9.70
CA SER B 313 1.12 24.50 8.47
C SER B 313 2.46 23.88 8.16
N LEU B 314 3.31 23.72 9.18
CA LEU B 314 4.62 23.12 8.96
C LEU B 314 4.49 21.67 8.51
N TYR B 315 3.53 20.94 9.07
CA TYR B 315 3.31 19.57 8.63
C TYR B 315 2.83 19.54 7.19
N GLU B 316 1.86 20.38 6.87
CA GLU B 316 1.32 20.42 5.51
C GLU B 316 2.39 20.86 4.52
N ALA B 317 3.24 21.80 4.90
CA ALA B 317 4.35 22.20 4.03
C ALA B 317 5.38 21.09 3.89
N THR B 318 5.69 20.42 5.00
CA THR B 318 6.63 19.30 4.95
C THR B 318 6.08 18.16 4.10
N ALA B 319 4.75 17.96 4.10
CA ALA B 319 4.14 16.93 3.27
C ALA B 319 3.96 17.39 1.84
N ALA B 320 3.77 18.68 1.63
CA ALA B 320 3.64 19.19 0.26
C ALA B 320 4.98 19.17 -0.45
N SER B 321 6.06 19.42 0.28
CA SER B 321 7.37 19.57 -0.36
C SER B 321 8.01 18.24 -0.68
N HIS B 322 7.61 17.17 -0.01
CA HIS B 322 8.23 15.86 -0.20
C HIS B 322 7.18 14.82 -0.57
N GLU B 323 6.13 15.28 -1.24
CA GLU B 323 5.01 14.43 -1.61
C GLU B 323 5.44 13.32 -2.57
N ARG B 324 6.27 13.65 -3.56
CA ARG B 324 6.86 12.63 -4.42
C ARG B 324 7.60 11.59 -3.60
N PHE B 325 8.40 12.04 -2.64
CA PHE B 325 9.15 11.12 -1.80
C PHE B 325 8.21 10.23 -0.99
N PHE B 326 7.22 10.83 -0.35
CA PHE B 326 6.30 10.04 0.46
C PHE B 326 5.47 9.11 -0.41
N LEU B 327 5.14 9.54 -1.63
CA LEU B 327 4.35 8.68 -2.52
C LEU B 327 5.15 7.48 -3.00
N SER B 328 6.43 7.68 -3.30
CA SER B 328 7.26 6.59 -3.80
C SER B 328 7.66 5.61 -2.71
N GLN B 329 7.61 6.04 -1.44
CA GLN B 329 7.90 5.18 -0.31
C GLN B 329 6.67 4.48 0.24
N GLY B 330 5.51 4.67 -0.40
CA GLY B 330 4.29 4.02 0.09
C GLY B 330 3.82 4.57 1.42
N LEU B 331 4.00 5.86 1.65
CA LEU B 331 3.70 6.46 2.95
C LEU B 331 2.50 7.40 2.93
N HIS B 332 1.68 7.38 1.87
CA HIS B 332 0.69 8.44 1.75
C HIS B 332 -0.40 8.34 2.81
N VAL B 333 -0.94 7.14 3.01
CA VAL B 333 -1.96 6.99 4.04
C VAL B 333 -1.39 7.34 5.40
N VAL B 334 -0.17 6.88 5.68
CA VAL B 334 0.45 7.17 6.97
C VAL B 334 0.58 8.67 7.18
N ILE B 335 1.08 9.38 6.17
CA ILE B 335 1.19 10.83 6.27
C ILE B 335 -0.18 11.46 6.43
N THR B 336 -1.15 10.98 5.65
CA THR B 336 -2.47 11.59 5.67
C THR B 336 -3.17 11.35 7.01
N LEU B 337 -2.94 10.19 7.62
CA LEU B 337 -3.54 9.90 8.91
C LEU B 337 -2.76 10.57 10.03
N LEU B 338 -1.46 10.72 9.86
CA LEU B 338 -0.63 11.34 10.88
C LEU B 338 -0.88 12.84 10.99
N ARG B 339 -1.41 13.44 9.93
CA ARG B 339 -1.80 14.84 9.99
C ARG B 339 -2.93 15.08 11.01
N GLU B 340 -3.81 14.10 11.19
CA GLU B 340 -4.88 14.27 12.15
C GLU B 340 -4.39 14.10 13.59
N VAL B 341 -3.27 13.40 13.78
CA VAL B 341 -2.59 13.46 15.07
C VAL B 341 -2.11 14.88 15.34
N VAL B 342 -1.55 15.53 14.32
CA VAL B 342 -1.13 16.92 14.47
C VAL B 342 -2.30 17.81 14.85
N PHE B 343 -3.44 17.62 14.18
CA PHE B 343 -4.62 18.40 14.53
C PHE B 343 -5.08 18.11 15.95
N THR B 344 -4.96 16.86 16.39
CA THR B 344 -5.32 16.54 17.77
C THR B 344 -4.37 17.16 18.78
N ARG B 345 -3.08 17.26 18.45
CA ARG B 345 -2.16 17.88 19.40
C ARG B 345 -2.42 19.37 19.55
N LEU B 346 -2.77 20.06 18.46
CA LEU B 346 -3.20 21.44 18.55
C LEU B 346 -4.40 21.57 19.46
N VAL B 347 -5.38 20.71 19.27
CA VAL B 347 -6.56 20.69 20.14
C VAL B 347 -6.12 20.53 21.59
N GLN B 348 -5.13 19.67 21.83
CA GLN B 348 -4.60 19.48 23.18
C GLN B 348 -3.94 20.75 23.68
N ARG B 349 -3.29 21.49 22.78
CA ARG B 349 -2.59 22.71 23.17
C ARG B 349 -3.50 23.87 23.47
N CYS B 350 -4.67 23.94 22.82
CA CYS B 350 -5.68 24.94 23.19
C CYS B 350 -6.40 24.56 24.47
N TRP B 351 -6.36 23.28 24.83
CA TRP B 351 -6.84 22.82 26.12
C TRP B 351 -5.89 23.25 27.23
N GLN B 352 -4.61 22.88 27.08
CA GLN B 352 -3.62 23.18 28.12
C GLN B 352 -3.50 24.67 28.36
N TRP B 353 -3.44 25.46 27.30
CA TRP B 353 -3.00 26.84 27.42
C TRP B 353 -4.10 27.86 27.20
N GLY B 354 -5.21 27.47 26.57
CA GLY B 354 -6.25 28.43 26.25
C GLY B 354 -7.58 28.28 26.97
N ASN B 355 -7.79 27.14 27.63
CA ASN B 355 -9.03 26.92 28.38
C ASN B 355 -8.78 26.49 29.83
N ASP B 356 -7.52 26.42 30.26
CA ASP B 356 -7.15 26.07 31.64
C ASP B 356 -7.57 24.64 32.01
N ARG B 357 -7.34 23.70 31.09
CA ARG B 357 -7.65 22.28 31.33
C ARG B 357 -9.08 22.08 31.79
N LYS B 358 -9.99 22.92 31.30
CA LYS B 358 -11.42 22.76 31.56
C LYS B 358 -12.03 21.86 30.49
N SER B 359 -12.78 20.85 30.93
CA SER B 359 -13.25 19.82 30.01
C SER B 359 -14.29 20.35 29.03
N ILE B 360 -14.96 21.46 29.34
CA ILE B 360 -15.87 22.12 28.42
C ILE B 360 -15.08 23.21 27.70
N MSE B 361 -14.88 23.04 26.40
CA MSE B 361 -14.17 24.06 25.65
C MSE B 361 -14.96 24.64 24.49
O MSE B 361 -15.49 23.90 23.65
CB MSE B 361 -12.84 23.54 25.12
CG MSE B 361 -12.00 24.67 24.50
SE MSE B 361 -10.51 24.09 23.42
CE MSE B 361 -9.90 22.77 24.66
N PRO B 362 -15.05 25.97 24.42
CA PRO B 362 -15.65 26.62 23.26
C PRO B 362 -14.86 26.33 21.99
N LEU B 363 -15.59 26.13 20.88
CA LEU B 363 -15.00 25.87 19.58
C LEU B 363 -14.40 27.11 18.94
N LYS B 364 -14.76 28.30 19.39
CA LYS B 364 -14.18 29.52 18.85
C LYS B 364 -12.72 29.71 19.24
N ILE B 365 -12.24 29.01 20.27
CA ILE B 365 -10.83 29.03 20.63
C ILE B 365 -9.98 28.54 19.46
N LEU B 366 -10.40 27.45 18.83
CA LEU B 366 -9.65 26.85 17.74
C LEU B 366 -9.72 27.67 16.45
N LEU B 367 -10.66 28.60 16.35
CA LEU B 367 -10.69 29.52 15.22
C LEU B 367 -9.55 30.53 15.28
N ALA B 368 -8.95 30.73 16.45
CA ALA B 368 -7.87 31.71 16.62
C ALA B 368 -6.55 30.95 16.60
N THR B 369 -6.03 30.74 15.39
CA THR B 369 -4.77 30.03 15.21
C THR B 369 -4.08 30.46 13.91
N GLU B 378 -21.79 31.72 5.13
CA GLU B 378 -21.72 31.69 6.59
C GLU B 378 -20.28 31.39 7.05
N ASP B 379 -19.35 32.27 6.70
CA ASP B 379 -17.92 32.00 6.87
C ASP B 379 -17.59 31.37 8.22
N GLU B 380 -17.95 32.05 9.32
CA GLU B 380 -17.63 31.51 10.63
C GLU B 380 -18.50 30.30 10.98
N GLU B 381 -19.78 30.33 10.60
CA GLU B 381 -20.62 29.14 10.84
C GLU B 381 -20.08 27.95 10.07
N GLU B 382 -19.61 28.18 8.84
CA GLU B 382 -19.07 27.08 8.04
C GLU B 382 -17.78 26.54 8.64
N GLN B 383 -16.90 27.44 9.10
CA GLN B 383 -15.65 27.00 9.71
C GLN B 383 -15.92 26.14 10.93
N LEU B 384 -16.99 26.45 11.67
CA LEU B 384 -17.29 25.69 12.87
C LEU B 384 -17.90 24.34 12.53
N ASP B 385 -18.76 24.30 11.50
CA ASP B 385 -19.30 23.03 11.04
C ASP B 385 -18.18 22.11 10.60
N ALA B 386 -17.24 22.64 9.80
CA ALA B 386 -16.09 21.86 9.38
C ALA B 386 -15.27 21.42 10.57
N LEU B 387 -15.23 22.23 11.62
CA LEU B 387 -14.44 21.96 12.80
C LEU B 387 -15.07 20.88 13.66
N GLU B 388 -16.40 20.94 13.83
CA GLU B 388 -17.10 19.84 14.49
C GLU B 388 -16.81 18.52 13.80
N CYS B 389 -16.91 18.49 12.47
CA CYS B 389 -16.73 17.26 11.72
C CYS B 389 -15.31 16.71 11.87
N ARG B 390 -14.31 17.58 11.87
CA ARG B 390 -12.94 17.09 12.02
C ARG B 390 -12.68 16.60 13.44
N LEU B 391 -13.33 17.24 14.42
CA LEU B 391 -13.26 16.74 15.79
C LEU B 391 -14.05 15.45 15.94
N ALA B 392 -15.18 15.35 15.23
CA ALA B 392 -16.00 14.15 15.33
C ALA B 392 -15.25 12.93 14.80
N SER B 393 -14.49 13.10 13.73
CA SER B 393 -13.73 11.98 13.17
C SER B 393 -12.62 11.56 14.11
N ALA B 394 -12.00 12.52 14.80
CA ALA B 394 -10.92 12.19 15.73
C ALA B 394 -11.47 11.51 16.97
N ILE B 395 -12.60 12.01 17.48
CA ILE B 395 -13.30 11.35 18.57
C ILE B 395 -13.61 9.91 18.21
N ALA B 396 -14.10 9.69 16.99
CA ALA B 396 -14.52 8.37 16.56
C ALA B 396 -13.36 7.44 16.25
N SER B 397 -12.15 7.98 16.14
CA SER B 397 -10.95 7.20 15.89
C SER B 397 -10.13 6.94 17.14
N GLY B 398 -10.46 7.60 18.25
CA GLY B 398 -9.71 7.36 19.47
C GLY B 398 -8.49 8.25 19.65
N LEU B 399 -8.47 9.41 19.01
CA LEU B 399 -7.48 10.43 19.34
C LEU B 399 -7.99 11.40 20.39
N LEU B 400 -9.31 11.48 20.56
CA LEU B 400 -9.94 12.30 21.58
C LEU B 400 -11.00 11.46 22.26
N ARG B 401 -11.03 11.48 23.59
CA ARG B 401 -12.16 10.95 24.34
C ARG B 401 -12.93 12.16 24.82
N ALA B 402 -13.91 12.56 24.01
CA ALA B 402 -14.75 13.72 24.30
C ALA B 402 -16.05 13.53 23.54
N TYR B 403 -16.98 14.45 23.75
CA TYR B 403 -18.21 14.46 22.97
C TYR B 403 -18.56 15.89 22.62
N LEU B 404 -19.22 16.05 21.48
CA LEU B 404 -19.51 17.36 20.93
C LEU B 404 -20.92 17.81 21.30
N SER B 405 -21.09 19.13 21.35
CA SER B 405 -22.40 19.76 21.40
C SER B 405 -22.50 20.76 20.27
N HIS B 406 -23.38 20.48 19.30
CA HIS B 406 -23.63 21.44 18.25
C HIS B 406 -24.28 22.70 18.79
N SER B 407 -25.06 22.55 19.87
CA SER B 407 -25.95 23.63 20.32
C SER B 407 -25.17 24.75 20.96
N ASN B 408 -24.28 24.43 21.90
CA ASN B 408 -23.40 25.42 22.48
C ASN B 408 -22.10 25.60 21.72
N ARG B 409 -21.93 24.89 20.59
CA ARG B 409 -20.70 24.89 19.79
C ARG B 409 -19.45 24.75 20.67
N CYS B 410 -19.45 23.67 21.46
CA CYS B 410 -18.33 23.35 22.34
C CYS B 410 -17.99 21.86 22.23
N ILE B 411 -16.86 21.49 22.82
CA ILE B 411 -16.45 20.11 22.97
C ILE B 411 -16.34 19.82 24.46
N VAL B 412 -16.62 18.59 24.84
CA VAL B 412 -16.69 18.21 26.26
C VAL B 412 -15.73 17.04 26.48
N PHE B 413 -14.50 17.36 26.85
CA PHE B 413 -13.51 16.33 27.08
C PHE B 413 -13.90 15.43 28.26
N SER B 414 -13.55 14.16 28.16
CA SER B 414 -13.67 13.25 29.29
C SER B 414 -12.92 13.83 30.49
N LYS B 415 -13.43 13.51 31.70
CA LYS B 415 -12.71 13.90 32.90
C LYS B 415 -11.45 13.07 33.12
N LYS B 416 -11.34 11.93 32.44
CA LYS B 416 -10.21 11.04 32.54
C LYS B 416 -9.85 10.56 31.14
N GLU B 417 -8.54 10.42 30.89
CA GLU B 417 -8.00 10.00 29.61
C GLU B 417 -8.55 10.79 28.41
N PRO B 418 -8.48 12.12 28.45
CA PRO B 418 -9.08 12.90 27.34
C PRO B 418 -8.35 12.75 26.02
N PHE B 419 -7.03 12.57 26.03
CA PHE B 419 -6.23 12.46 24.81
C PHE B 419 -5.48 11.13 24.83
N PRO B 420 -6.19 10.02 24.65
CA PRO B 420 -5.55 8.71 24.78
C PRO B 420 -4.63 8.42 23.60
N HIS B 421 -3.69 7.52 23.84
CA HIS B 421 -2.87 6.96 22.78
C HIS B 421 -2.32 5.63 23.28
N SER B 422 -2.22 4.66 22.37
CA SER B 422 -1.65 3.38 22.74
C SER B 422 -0.21 3.56 23.18
N LYS B 423 0.26 2.62 23.99
CA LYS B 423 1.60 2.71 24.55
C LYS B 423 2.38 1.42 24.34
N ASP C 32 15.22 -0.62 -8.41
CA ASP C 32 16.27 0.00 -9.21
C ASP C 32 17.63 -0.42 -8.66
N ASP C 33 18.03 0.22 -7.57
CA ASP C 33 19.25 -0.16 -6.88
C ASP C 33 18.98 -1.33 -5.95
N GLU C 34 19.90 -2.28 -5.92
CA GLU C 34 19.72 -3.46 -5.07
C GLU C 34 20.12 -3.13 -3.63
N PHE C 35 19.13 -3.15 -2.74
CA PHE C 35 19.37 -3.15 -1.31
C PHE C 35 19.23 -4.55 -0.71
N GLU C 36 18.83 -5.53 -1.52
CA GLU C 36 18.75 -6.92 -1.09
C GLU C 36 20.13 -7.53 -0.89
N ASP C 37 21.17 -7.00 -1.53
CA ASP C 37 22.52 -7.57 -1.38
C ASP C 37 23.21 -6.88 -0.20
N PHE C 38 23.20 -7.55 0.95
CA PHE C 38 23.79 -7.03 2.19
C PHE C 38 25.31 -7.05 2.11
N PRO C 39 25.98 -6.09 2.74
CA PRO C 39 27.45 -6.12 2.74
C PRO C 39 28.04 -7.20 3.64
N ILE C 40 27.35 -7.61 4.71
CA ILE C 40 27.81 -8.70 5.56
C ILE C 40 26.63 -9.62 5.87
N ASP C 41 26.87 -10.93 5.75
CA ASP C 41 25.77 -11.89 5.67
C ASP C 41 25.22 -12.22 7.07
N THR C 42 26.08 -12.23 8.09
CA THR C 42 25.60 -12.52 9.44
C THR C 42 26.57 -11.93 10.45
N TRP C 43 26.13 -11.92 11.71
CA TRP C 43 26.89 -11.37 12.82
C TRP C 43 26.37 -12.05 14.09
N ALA C 44 27.07 -11.84 15.20
CA ALA C 44 26.65 -12.47 16.43
C ALA C 44 25.47 -11.71 17.05
N ASN C 45 24.71 -12.39 17.91
CA ASN C 45 23.57 -11.73 18.54
C ASN C 45 24.03 -10.63 19.48
N GLY C 46 25.13 -10.86 20.19
CA GLY C 46 25.63 -9.86 21.12
C GLY C 46 25.95 -8.54 20.46
N GLU C 47 26.01 -8.52 19.13
CA GLU C 47 26.35 -7.33 18.36
C GLU C 47 25.13 -6.64 17.76
N THR C 48 23.94 -6.91 18.29
CA THR C 48 22.72 -6.26 17.82
C THR C 48 22.29 -5.16 18.78
N ILE C 49 21.56 -4.18 18.26
CA ILE C 49 21.04 -3.10 19.09
C ILE C 49 20.17 -3.66 20.20
N LYS C 50 19.32 -4.64 19.87
CA LYS C 50 18.45 -5.25 20.88
C LYS C 50 19.27 -5.85 22.01
N SER C 51 20.34 -6.58 21.66
CA SER C 51 21.17 -7.21 22.68
C SER C 51 22.08 -6.22 23.37
N ASN C 52 22.47 -5.14 22.68
CA ASN C 52 23.20 -4.04 23.31
C ASN C 52 22.27 -3.01 23.93
N ALA C 53 20.96 -3.29 23.99
CA ALA C 53 20.00 -2.30 24.46
C ALA C 53 19.95 -2.17 25.98
N VAL C 54 20.63 -3.04 26.72
CA VAL C 54 20.89 -2.72 28.12
C VAL C 54 22.15 -1.89 28.25
N THR C 55 23.01 -1.87 27.23
CA THR C 55 24.09 -0.89 27.20
C THR C 55 23.59 0.45 26.68
N GLN C 56 22.71 0.45 25.70
CA GLN C 56 22.20 1.69 25.12
C GLN C 56 20.80 2.00 25.59
N THR C 57 20.54 3.29 25.82
CA THR C 57 19.23 3.75 26.24
C THR C 57 18.23 3.67 25.10
N ASN C 58 16.97 3.94 25.42
CA ASN C 58 15.89 3.80 24.45
C ASN C 58 16.05 4.80 23.31
N ILE C 59 16.01 4.30 22.08
CA ILE C 59 16.08 5.18 20.92
C ILE C 59 14.79 5.99 20.79
N TRP C 60 13.70 5.49 21.36
CA TRP C 60 12.41 6.16 21.25
C TRP C 60 12.14 6.97 22.51
N GLU C 61 12.20 8.29 22.39
CA GLU C 61 11.76 9.16 23.47
C GLU C 61 10.27 8.96 23.70
N GLU C 62 9.87 8.88 24.97
CA GLU C 62 8.50 8.54 25.35
C GLU C 62 7.75 9.68 26.04
N ASN C 63 8.33 10.87 26.12
CA ASN C 63 7.61 12.01 26.68
C ASN C 63 6.77 12.64 25.56
N TRP C 64 5.66 12.01 25.24
CA TRP C 64 4.76 12.59 24.26
C TRP C 64 3.68 13.47 24.89
N ASP C 65 3.26 13.14 26.10
CA ASP C 65 2.23 13.91 26.78
C ASP C 65 2.76 15.19 27.40
N ASP C 66 4.03 15.24 27.78
CA ASP C 66 4.53 16.34 28.61
C ASP C 66 5.58 17.20 27.92
N VAL C 67 6.01 16.88 26.70
CA VAL C 67 7.07 17.68 26.12
C VAL C 67 6.48 18.98 25.59
N GLU C 68 6.94 20.09 26.15
CA GLU C 68 6.80 21.38 25.51
C GLU C 68 8.09 21.67 24.74
N VAL C 69 7.94 22.15 23.52
CA VAL C 69 9.06 22.66 22.74
C VAL C 69 8.84 24.15 22.56
N ASP C 70 9.95 24.90 22.59
CA ASP C 70 9.91 26.34 22.36
C ASP C 70 10.43 26.61 20.96
N ASP C 71 9.56 27.10 20.09
CA ASP C 71 9.94 27.64 18.79
C ASP C 71 8.98 28.76 18.46
N ASP C 72 9.27 29.46 17.36
CA ASP C 72 8.44 30.61 16.97
C ASP C 72 6.96 30.25 17.00
N PHE C 73 6.61 29.06 16.52
CA PHE C 73 5.20 28.69 16.41
C PHE C 73 4.55 28.53 17.76
N THR C 74 5.21 27.80 18.65
CA THR C 74 4.64 27.57 19.97
C THR C 74 4.51 28.88 20.74
N ASN C 75 5.52 29.73 20.63
CA ASN C 75 5.49 31.00 21.34
C ASN C 75 4.35 31.88 20.87
N GLU C 76 4.09 31.90 19.58
CA GLU C 76 3.00 32.72 19.05
C GLU C 76 1.66 32.05 19.22
N LEU C 77 1.65 30.72 19.39
CA LEU C 77 0.41 30.03 19.71
C LEU C 77 -0.08 30.40 21.10
N LYS C 78 0.83 30.46 22.07
CA LYS C 78 0.46 30.93 23.40
C LYS C 78 0.06 32.39 23.36
N ALA C 79 0.72 33.18 22.50
CA ALA C 79 0.39 34.59 22.38
C ALA C 79 -1.05 34.78 21.94
N GLU C 80 -1.43 34.11 20.85
CA GLU C 80 -2.76 34.31 20.31
C GLU C 80 -3.82 33.70 21.21
N LEU C 81 -3.43 32.76 22.07
CA LEU C 81 -4.35 32.15 23.01
C LEU C 81 -4.45 32.92 24.31
N ASP C 82 -3.35 33.54 24.76
CA ASP C 82 -3.44 34.45 25.89
C ASP C 82 -4.30 35.66 25.56
N ARG C 83 -4.23 36.13 24.31
CA ARG C 83 -5.13 37.17 23.85
C ARG C 83 -6.59 36.72 23.94
N TYR C 84 -6.88 35.48 23.58
CA TYR C 84 -8.26 35.01 23.62
C TYR C 84 -8.77 34.96 25.05
N LYS C 85 -7.94 34.51 26.00
CA LYS C 85 -8.39 34.45 27.38
C LYS C 85 -8.65 35.85 27.95
N ARG C 86 -7.94 36.87 27.44
CA ARG C 86 -8.09 38.22 27.97
C ARG C 86 -9.36 38.88 27.47
N GLU C 87 -9.75 38.62 26.23
CA GLU C 87 -10.97 39.16 25.67
C GLU C 87 -12.20 38.38 26.09
N ASN C 88 -12.03 37.12 26.45
CA ASN C 88 -13.12 36.27 26.92
C ASN C 88 -13.14 36.12 28.43
N GLN C 89 -12.29 36.86 29.15
CA GLN C 89 -12.08 36.81 30.61
C GLN C 89 -12.87 35.77 31.42
#